data_8A1K
#
_entry.id   8A1K
#
_cell.length_a   60.977
_cell.length_b   95.169
_cell.length_c   75.624
_cell.angle_alpha   90.000
_cell.angle_beta   92.350
_cell.angle_gamma   90.000
#
_symmetry.space_group_name_H-M   'P 1 21 1'
#
loop_
_entity.id
_entity.type
_entity.pdbx_description
1 polymer 'L,D-transpeptidase 2'
2 non-polymer 4,5-bis(chloranyl)-N-(2-hydroxyethyl)-2-sulfanyl-benzamide
3 non-polymer 1,2-ETHANEDIOL
4 non-polymer 'DIMETHYL SULFOXIDE'
5 non-polymer 'SODIUM ION'
6 water water
#
_entity_poly.entity_id   1
_entity_poly.type   'polypeptide(L)'
_entity_poly.pdbx_seq_one_letter_code
;QSDLLVPKLTASVTDGAVGVTVDAPVSVTAADGVLAAVTMVNDNGRPVAGRLSPDGLRWSTTEQLGYNRRYTLNATALGL
GGAATRQLTFQTSSPAHLTMPYVMPGDGEVVGVGEPVAIRFDENIADRGAAEKAIKITTNPPVEGAFYWLNNREVRWRPE
HFWKPGTAVDVAVNTYGVDLGEGMFGEDNVQTHFTIGDEVIATADDNTKILTVRVNGEVVKSMPTSMGKDSTPTANGIYI
VGSRYKHIIMDSSTYGVPVNSPNGYRTDVDWATQISYSGVFVHSAPWSVGAQGHTNTSHGCLNVSPSNAQWFYDHVKRGD
IVEVVNTVGGTLPGIDGLGDWNIPWDQWRAGNAKA
;
_entity_poly.pdbx_strand_id   A,B
#
# COMPACT_ATOMS: atom_id res chain seq x y z
N LEU A 5 -27.52 24.93 8.89
CA LEU A 5 -26.38 24.02 8.67
C LEU A 5 -25.56 23.84 9.95
N VAL A 6 -25.79 22.73 10.64
CA VAL A 6 -25.02 22.43 11.86
C VAL A 6 -23.58 22.11 11.49
N PRO A 7 -22.59 22.63 12.21
CA PRO A 7 -21.19 22.31 11.86
C PRO A 7 -20.90 20.85 12.07
N LYS A 8 -20.06 20.29 11.19
CA LYS A 8 -19.66 18.90 11.26
C LYS A 8 -18.19 18.79 11.68
N LEU A 9 -17.87 17.70 12.37
CA LEU A 9 -16.51 17.40 12.80
C LEU A 9 -16.07 16.11 12.14
N THR A 10 -14.81 16.10 11.67
CA THR A 10 -14.18 14.93 11.07
C THR A 10 -12.78 14.76 11.65
N ALA A 11 -12.58 13.72 12.46
CA ALA A 11 -11.29 13.42 13.05
C ALA A 11 -10.61 12.29 12.27
N SER A 12 -9.28 12.32 12.24
CA SER A 12 -8.48 11.29 11.61
C SER A 12 -8.40 10.01 12.42
N VAL A 13 -9.09 9.97 13.58
CA VAL A 13 -9.19 8.79 14.41
C VAL A 13 -10.66 8.55 14.72
N THR A 14 -10.97 7.31 15.10
CA THR A 14 -12.30 6.88 15.46
C THR A 14 -12.35 6.70 16.97
N ASP A 15 -13.43 7.19 17.57
CA ASP A 15 -13.71 6.91 18.99
C ASP A 15 -13.68 5.41 19.23
N GLY A 16 -12.95 5.00 20.26
CA GLY A 16 -12.81 3.58 20.58
C GLY A 16 -11.75 2.82 19.82
N ALA A 17 -11.04 3.45 18.88
CA ALA A 17 -10.06 2.69 18.09
C ALA A 17 -8.89 2.25 18.99
N VAL A 18 -8.30 1.12 18.62
CA VAL A 18 -7.10 0.62 19.24
C VAL A 18 -6.10 0.28 18.14
N GLY A 19 -4.85 0.10 18.54
CA GLY A 19 -3.83 -0.18 17.55
C GLY A 19 -3.59 0.94 16.57
N VAL A 20 -3.93 2.16 16.96
CA VAL A 20 -3.72 3.31 16.08
C VAL A 20 -2.23 3.61 15.97
N THR A 21 -1.74 3.74 14.74
CA THR A 21 -0.32 3.92 14.49
C THR A 21 0.08 5.39 14.67
N VAL A 22 1.30 5.58 15.14
CA VAL A 22 1.79 6.92 15.46
C VAL A 22 2.74 7.45 14.38
N ASP A 23 2.68 6.88 13.18
CA ASP A 23 3.43 7.37 12.06
C ASP A 23 2.82 8.60 11.39
N ALA A 24 1.65 9.05 11.85
CA ALA A 24 1.01 10.21 11.25
C ALA A 24 0.39 11.09 12.33
N PRO A 25 0.28 12.39 12.07
CA PRO A 25 -0.40 13.26 13.03
C PRO A 25 -1.88 12.94 13.11
N VAL A 26 -2.48 13.38 14.20
CA VAL A 26 -3.94 13.30 14.36
C VAL A 26 -4.54 14.66 14.04
N SER A 27 -5.60 14.68 13.26
CA SER A 27 -6.23 15.92 12.84
C SER A 27 -7.73 15.92 13.22
N VAL A 28 -8.27 17.13 13.34
CA VAL A 28 -9.70 17.38 13.47
C VAL A 28 -10.04 18.47 12.46
N THR A 29 -11.14 18.29 11.75
CA THR A 29 -11.58 19.23 10.73
C THR A 29 -13.03 19.63 10.99
N ALA A 30 -13.32 20.92 10.81
CA ALA A 30 -14.68 21.44 10.89
C ALA A 30 -15.17 21.82 9.50
N ALA A 31 -16.43 21.50 9.23
CA ALA A 31 -17.14 21.95 8.03
C ALA A 31 -18.37 22.73 8.45
N ASP A 32 -18.82 23.64 7.60
CA ASP A 32 -19.96 24.51 7.90
C ASP A 32 -19.82 25.14 9.28
N GLY A 33 -18.60 25.56 9.58
CA GLY A 33 -18.30 26.17 10.85
C GLY A 33 -16.79 26.22 11.06
N VAL A 34 -16.40 26.58 12.28
CA VAL A 34 -15.00 26.69 12.63
C VAL A 34 -14.78 26.03 13.98
N LEU A 35 -13.52 25.65 14.22
CA LEU A 35 -13.14 24.99 15.47
C LEU A 35 -12.92 26.06 16.53
N ALA A 36 -13.76 26.03 17.56
CA ALA A 36 -13.63 26.98 18.66
C ALA A 36 -12.72 26.46 19.77
N ALA A 37 -12.54 25.14 19.85
CA ALA A 37 -11.70 24.56 20.90
C ALA A 37 -11.32 23.16 20.49
N VAL A 38 -10.04 22.84 20.57
CA VAL A 38 -9.58 21.48 20.36
C VAL A 38 -8.52 21.19 21.40
N THR A 39 -8.68 20.11 22.14
CA THR A 39 -7.68 19.67 23.10
C THR A 39 -7.49 18.16 23.00
N MET A 40 -6.27 17.72 23.28
N MET A 40 -6.26 17.72 23.23
CA MET A 40 -5.95 16.29 23.31
CA MET A 40 -5.94 16.30 23.30
C MET A 40 -4.99 16.06 24.45
C MET A 40 -5.03 16.12 24.51
N VAL A 41 -5.31 15.09 25.32
CA VAL A 41 -4.47 14.76 26.46
C VAL A 41 -4.16 13.28 26.45
N ASN A 42 -3.01 12.92 27.01
CA ASN A 42 -2.69 11.51 27.20
C ASN A 42 -3.24 11.02 28.54
N ASP A 43 -2.94 9.76 28.87
CA ASP A 43 -3.50 9.12 30.05
C ASP A 43 -2.95 9.67 31.37
N ASN A 44 -1.93 10.51 31.33
CA ASN A 44 -1.45 11.22 32.52
C ASN A 44 -2.01 12.64 32.59
N GLY A 45 -2.96 12.97 31.72
CA GLY A 45 -3.49 14.32 31.64
C GLY A 45 -2.61 15.32 30.95
N ARG A 46 -1.49 14.91 30.38
CA ARG A 46 -0.57 15.85 29.75
C ARG A 46 -1.15 16.35 28.43
N PRO A 47 -1.24 17.65 28.22
CA PRO A 47 -1.74 18.14 26.93
C PRO A 47 -0.77 17.82 25.81
N VAL A 48 -1.34 17.51 24.65
CA VAL A 48 -0.57 17.25 23.43
C VAL A 48 -0.46 18.53 22.62
N ALA A 49 0.73 18.81 22.11
CA ALA A 49 0.94 20.03 21.34
C ALA A 49 0.15 19.94 20.04
N GLY A 50 -0.52 21.03 19.69
CA GLY A 50 -1.26 21.10 18.43
C GLY A 50 -1.19 22.47 17.81
N ARG A 51 -1.83 22.62 16.65
CA ARG A 51 -1.88 23.90 15.97
C ARG A 51 -3.21 23.99 15.21
N LEU A 52 -3.86 25.13 15.33
CA LEU A 52 -5.09 25.40 14.59
C LEU A 52 -4.75 26.28 13.39
N SER A 53 -5.35 25.96 12.25
CA SER A 53 -5.11 26.75 11.05
C SER A 53 -5.68 28.14 11.23
N PRO A 54 -5.10 29.15 10.59
CA PRO A 54 -5.65 30.51 10.70
C PRO A 54 -7.13 30.60 10.33
N ASP A 55 -7.56 29.86 9.31
CA ASP A 55 -8.98 29.88 8.94
C ASP A 55 -9.86 29.16 9.93
N GLY A 56 -9.30 28.57 10.98
CA GLY A 56 -10.09 27.90 11.99
C GLY A 56 -10.68 26.56 11.59
N LEU A 57 -10.28 26.01 10.45
CA LEU A 57 -10.93 24.81 9.93
C LEU A 57 -10.21 23.51 10.26
N ARG A 58 -8.90 23.55 10.46
CA ARG A 58 -8.11 22.33 10.56
C ARG A 58 -7.18 22.43 11.77
N TRP A 59 -7.30 21.46 12.67
CA TRP A 59 -6.41 21.32 13.81
C TRP A 59 -5.58 20.06 13.66
N SER A 60 -4.32 20.11 14.08
CA SER A 60 -3.47 18.96 13.96
C SER A 60 -2.44 18.91 15.08
N THR A 61 -2.16 17.72 15.56
CA THR A 61 -1.05 17.54 16.48
C THR A 61 0.23 18.00 15.80
N THR A 62 1.15 18.55 16.60
CA THR A 62 2.40 19.09 16.14
C THR A 62 3.62 18.41 16.76
N GLU A 63 3.41 17.41 17.62
CA GLU A 63 4.48 16.61 18.15
C GLU A 63 4.15 15.14 17.94
N GLN A 64 5.18 14.31 18.00
CA GLN A 64 4.97 12.88 17.84
C GLN A 64 4.05 12.36 18.96
N LEU A 65 3.15 11.46 18.58
CA LEU A 65 2.37 10.73 19.58
C LEU A 65 3.18 9.52 20.07
N GLY A 66 2.88 9.08 21.29
CA GLY A 66 3.62 8.01 21.90
C GLY A 66 3.03 6.63 21.67
N TYR A 67 3.92 5.63 21.69
CA TYR A 67 3.49 4.24 21.79
C TYR A 67 2.80 3.97 23.12
N ASN A 68 1.84 3.04 23.09
CA ASN A 68 1.29 2.48 24.32
C ASN A 68 0.62 3.56 25.17
N ARG A 69 -0.07 4.49 24.52
CA ARG A 69 -0.77 5.56 25.20
C ARG A 69 -2.24 5.55 24.85
N ARG A 70 -3.06 6.04 25.78
CA ARG A 70 -4.47 6.32 25.51
C ARG A 70 -4.66 7.84 25.44
N TYR A 71 -5.24 8.32 24.35
CA TYR A 71 -5.45 9.74 24.15
C TYR A 71 -6.94 10.05 24.18
N THR A 72 -7.27 11.21 24.72
CA THR A 72 -8.65 11.71 24.75
C THR A 72 -8.69 13.06 24.06
N LEU A 73 -9.51 13.16 23.02
CA LEU A 73 -9.60 14.29 22.12
C LEU A 73 -10.97 14.92 22.30
N ASN A 74 -10.99 16.21 22.59
CA ASN A 74 -12.24 16.97 22.68
C ASN A 74 -12.21 18.10 21.67
N ALA A 75 -13.34 18.33 21.00
CA ALA A 75 -13.38 19.35 19.97
C ALA A 75 -14.76 19.96 19.95
N THR A 76 -14.81 21.29 19.84
CA THR A 76 -16.06 22.01 19.67
C THR A 76 -15.99 22.83 18.40
N ALA A 77 -17.06 22.81 17.61
CA ALA A 77 -17.21 23.66 16.44
C ALA A 77 -18.40 24.60 16.61
N LEU A 78 -18.28 25.80 16.05
CA LEU A 78 -19.31 26.80 16.10
C LEU A 78 -19.59 27.31 14.69
N GLY A 79 -20.81 27.73 14.47
CA GLY A 79 -21.20 28.31 13.21
C GLY A 79 -22.57 28.95 13.33
N LEU A 80 -22.89 29.78 12.33
CA LEU A 80 -24.21 30.39 12.28
C LEU A 80 -25.31 29.35 12.48
N GLY A 81 -25.08 28.11 12.04
CA GLY A 81 -26.06 27.07 12.23
C GLY A 81 -26.22 26.66 13.68
N GLY A 82 -25.11 26.61 14.41
CA GLY A 82 -25.15 26.19 15.80
C GLY A 82 -23.80 25.71 16.28
N ALA A 83 -23.80 24.66 17.10
CA ALA A 83 -22.55 24.14 17.67
C ALA A 83 -22.56 22.61 17.67
N ALA A 84 -21.36 22.03 17.72
CA ALA A 84 -21.20 20.59 17.79
C ALA A 84 -19.96 20.27 18.59
N THR A 85 -20.06 19.26 19.44
CA THR A 85 -18.91 18.81 20.24
C THR A 85 -18.79 17.31 20.15
N ARG A 86 -17.56 16.81 20.13
CA ARG A 86 -17.31 15.39 20.12
C ARG A 86 -16.21 15.11 21.12
N GLN A 87 -16.29 13.95 21.75
CA GLN A 87 -15.23 13.41 22.59
C GLN A 87 -14.84 12.04 22.02
N LEU A 88 -13.54 11.86 21.77
CA LEU A 88 -13.03 10.64 21.17
C LEU A 88 -11.89 10.16 22.05
N THR A 89 -11.82 8.85 22.27
CA THR A 89 -10.68 8.24 22.94
C THR A 89 -10.14 7.08 22.12
N PHE A 90 -8.81 7.00 22.02
CA PHE A 90 -8.19 5.93 21.24
C PHE A 90 -6.89 5.55 21.89
N GLN A 91 -6.44 4.33 21.60
CA GLN A 91 -5.15 3.81 22.05
C GLN A 91 -4.21 3.59 20.86
N THR A 92 -2.95 3.94 21.07
CA THR A 92 -1.97 3.77 20.01
C THR A 92 -1.34 2.37 20.08
N SER A 93 -0.56 2.04 19.03
CA SER A 93 0.13 0.77 18.99
C SER A 93 0.88 0.53 20.29
N SER A 94 0.86 -0.71 20.76
CA SER A 94 1.72 -1.17 21.85
C SER A 94 2.74 -2.17 21.31
N PRO A 95 3.94 -1.72 20.95
CA PRO A 95 4.92 -2.65 20.37
C PRO A 95 5.29 -3.77 21.34
N ALA A 96 5.54 -4.95 20.77
CA ALA A 96 6.24 -5.99 21.52
C ALA A 96 7.74 -5.73 21.58
N HIS A 97 8.29 -5.07 20.57
N HIS A 97 8.29 -5.03 20.59
CA HIS A 97 9.72 -4.78 20.51
CA HIS A 97 9.72 -4.76 20.58
C HIS A 97 9.92 -3.47 19.78
C HIS A 97 9.95 -3.51 19.74
N LEU A 98 11.08 -2.84 20.01
CA LEU A 98 11.51 -1.69 19.25
C LEU A 98 12.81 -2.01 18.54
N THR A 99 12.98 -1.46 17.33
CA THR A 99 14.25 -1.54 16.62
C THR A 99 14.63 -0.15 16.15
N MET A 100 15.88 0.17 16.25
CA MET A 100 16.44 1.44 15.81
C MET A 100 17.20 1.28 14.51
N PRO A 101 16.93 2.11 13.50
CA PRO A 101 17.72 2.06 12.28
C PRO A 101 18.96 2.93 12.38
N TYR A 102 19.99 2.49 11.68
CA TYR A 102 21.23 3.23 11.55
C TYR A 102 21.56 3.34 10.06
N VAL A 103 21.84 4.54 9.60
CA VAL A 103 22.04 4.79 8.17
C VAL A 103 23.49 5.19 7.92
N MET A 104 24.07 4.61 6.88
CA MET A 104 25.34 5.00 6.30
C MET A 104 25.15 5.27 4.82
N PRO A 105 25.94 6.16 4.23
CA PRO A 105 27.06 6.94 4.81
C PRO A 105 26.55 8.05 5.73
N GLY A 106 27.50 8.73 6.38
CA GLY A 106 27.15 9.75 7.34
C GLY A 106 26.60 10.99 6.67
N ASP A 107 25.78 11.71 7.42
CA ASP A 107 25.14 12.94 6.96
C ASP A 107 26.21 13.96 6.54
N GLY A 108 26.05 14.51 5.33
CA GLY A 108 26.94 15.51 4.81
C GLY A 108 28.19 14.96 4.16
N GLU A 109 28.42 13.66 4.21
CA GLU A 109 29.66 13.11 3.67
C GLU A 109 29.68 13.22 2.14
N VAL A 110 30.91 13.23 1.62
CA VAL A 110 31.20 13.03 0.21
C VAL A 110 31.87 11.67 0.06
N VAL A 111 31.27 10.80 -0.76
CA VAL A 111 31.67 9.42 -0.87
C VAL A 111 31.93 9.07 -2.33
N GLY A 112 32.55 7.91 -2.53
CA GLY A 112 32.91 7.45 -3.85
C GLY A 112 31.70 6.86 -4.60
N VAL A 113 31.96 6.51 -5.86
CA VAL A 113 30.91 6.15 -6.81
C VAL A 113 30.34 4.78 -6.56
N GLY A 114 30.97 4.02 -5.67
CA GLY A 114 30.48 2.70 -5.32
C GLY A 114 29.74 2.59 -4.00
N GLU A 115 29.43 3.72 -3.34
CA GLU A 115 28.85 3.70 -2.01
C GLU A 115 27.35 3.46 -2.05
N PRO A 116 26.87 2.34 -1.53
CA PRO A 116 25.42 2.13 -1.43
C PRO A 116 24.82 2.90 -0.27
N VAL A 117 23.50 3.18 -0.37
CA VAL A 117 22.76 3.53 0.81
C VAL A 117 22.63 2.29 1.69
N ALA A 118 22.87 2.45 2.99
CA ALA A 118 22.78 1.35 3.95
C ALA A 118 21.85 1.71 5.10
N ILE A 119 20.88 0.84 5.38
CA ILE A 119 19.99 1.00 6.50
C ILE A 119 20.09 -0.26 7.34
N ARG A 120 20.77 -0.16 8.48
CA ARG A 120 20.99 -1.29 9.36
C ARG A 120 20.11 -1.16 10.60
N PHE A 121 19.32 -2.19 10.87
CA PHE A 121 18.47 -2.24 12.06
C PHE A 121 19.19 -3.04 13.12
N ASP A 122 18.92 -2.73 14.38
CA ASP A 122 19.50 -3.46 15.49
C ASP A 122 18.69 -4.69 15.90
N GLU A 123 17.68 -5.07 15.11
CA GLU A 123 16.94 -6.30 15.35
C GLU A 123 16.60 -6.92 13.99
N ASN A 124 16.25 -8.20 14.00
CA ASN A 124 15.81 -8.86 12.77
C ASN A 124 14.46 -8.28 12.33
N ILE A 125 14.31 -8.08 11.04
CA ILE A 125 13.13 -7.45 10.45
C ILE A 125 12.26 -8.55 9.83
N ALA A 126 11.07 -8.78 10.39
CA ALA A 126 10.22 -9.85 9.90
C ALA A 126 9.49 -9.48 8.62
N ASP A 127 9.19 -8.19 8.43
CA ASP A 127 8.43 -7.70 7.28
C ASP A 127 9.33 -6.75 6.50
N ARG A 128 10.24 -7.33 5.70
CA ARG A 128 11.18 -6.53 4.94
C ARG A 128 10.44 -5.56 4.02
N GLY A 129 9.27 -5.94 3.52
CA GLY A 129 8.56 -5.02 2.65
C GLY A 129 8.12 -3.77 3.37
N ALA A 130 7.65 -3.91 4.61
CA ALA A 130 7.30 -2.73 5.39
C ALA A 130 8.50 -1.82 5.62
N ALA A 131 9.66 -2.40 5.87
CA ALA A 131 10.87 -1.59 6.00
C ALA A 131 11.18 -0.84 4.70
N GLU A 132 11.16 -1.52 3.57
CA GLU A 132 11.44 -0.88 2.30
C GLU A 132 10.44 0.23 2.00
N LYS A 133 9.16 -0.03 2.26
CA LYS A 133 8.13 0.98 2.04
C LYS A 133 8.41 2.23 2.87
N ALA A 134 9.00 2.06 4.04
CA ALA A 134 9.22 3.18 4.93
C ALA A 134 10.47 3.99 4.62
N ILE A 135 11.20 3.65 3.57
CA ILE A 135 12.48 4.30 3.26
C ILE A 135 12.36 5.01 1.93
N LYS A 136 12.56 6.33 1.93
CA LYS A 136 12.39 7.16 0.74
C LYS A 136 13.77 7.66 0.33
N ILE A 137 14.19 7.34 -0.89
CA ILE A 137 15.49 7.72 -1.39
C ILE A 137 15.30 8.67 -2.58
N THR A 138 15.81 9.88 -2.44
CA THR A 138 15.77 10.90 -3.48
C THR A 138 17.16 11.01 -4.08
N THR A 139 17.22 11.10 -5.42
CA THR A 139 18.50 11.23 -6.09
C THR A 139 18.38 12.36 -7.11
N ASN A 140 19.44 13.19 -7.22
N ASN A 140 19.44 13.14 -7.26
CA ASN A 140 19.51 14.29 -8.18
CA ASN A 140 19.46 14.23 -8.24
C ASN A 140 20.89 14.29 -8.82
C ASN A 140 20.86 14.33 -8.83
N PRO A 141 21.03 13.97 -10.11
CA PRO A 141 19.96 13.54 -11.06
C PRO A 141 19.33 12.22 -10.66
N PRO A 142 18.02 12.09 -10.87
CA PRO A 142 17.33 10.86 -10.48
C PRO A 142 17.88 9.68 -11.26
N VAL A 143 18.01 8.56 -10.56
CA VAL A 143 18.51 7.32 -11.15
C VAL A 143 17.70 6.17 -10.58
N GLU A 144 17.50 5.13 -11.39
CA GLU A 144 16.84 3.92 -10.89
C GLU A 144 17.76 3.23 -9.88
N GLY A 145 17.18 2.80 -8.78
CA GLY A 145 17.88 1.97 -7.82
C GLY A 145 16.93 0.94 -7.24
N ALA A 146 17.47 0.10 -6.37
CA ALA A 146 16.64 -0.94 -5.76
C ALA A 146 17.23 -1.40 -4.44
N PHE A 147 16.35 -1.96 -3.61
CA PHE A 147 16.74 -2.52 -2.31
C PHE A 147 17.14 -3.98 -2.42
N TYR A 148 18.12 -4.38 -1.61
CA TYR A 148 18.51 -5.76 -1.48
C TYR A 148 19.06 -5.97 -0.09
N TRP A 149 18.62 -7.06 0.56
CA TRP A 149 18.98 -7.35 1.95
C TRP A 149 20.26 -8.19 2.01
N LEU A 150 21.25 -7.72 2.77
CA LEU A 150 22.48 -8.49 2.96
C LEU A 150 22.31 -9.58 4.01
N ASN A 151 21.37 -9.42 4.93
CA ASN A 151 21.13 -10.32 6.05
C ASN A 151 19.79 -9.88 6.63
N ASN A 152 19.41 -10.43 7.78
CA ASN A 152 18.10 -10.18 8.34
C ASN A 152 17.95 -8.77 8.92
N ARG A 153 19.05 -8.03 9.06
CA ARG A 153 19.03 -6.74 9.72
C ARG A 153 19.41 -5.57 8.83
N GLU A 154 20.13 -5.77 7.72
CA GLU A 154 20.64 -4.67 6.96
C GLU A 154 20.20 -4.73 5.50
N VAL A 155 19.63 -3.63 5.02
CA VAL A 155 19.24 -3.52 3.63
C VAL A 155 20.08 -2.42 2.99
N ARG A 156 20.31 -2.59 1.68
CA ARG A 156 21.12 -1.70 0.88
C ARG A 156 20.31 -1.23 -0.32
N TRP A 157 20.65 -0.03 -0.82
CA TRP A 157 20.04 0.52 -2.01
C TRP A 157 21.12 1.10 -2.92
N ARG A 158 21.07 0.72 -4.19
CA ARG A 158 22.05 1.24 -5.13
C ARG A 158 21.49 1.24 -6.53
N PRO A 159 22.14 1.97 -7.45
CA PRO A 159 21.79 1.89 -8.88
C PRO A 159 22.41 0.66 -9.53
N GLU A 160 22.12 0.52 -10.83
CA GLU A 160 22.63 -0.55 -11.66
C GLU A 160 24.14 -0.36 -11.84
N HIS A 161 24.55 0.87 -12.17
CA HIS A 161 25.97 1.19 -12.42
C HIS A 161 26.44 2.08 -11.29
N PHE A 162 27.76 2.26 -11.20
CA PHE A 162 28.31 3.19 -10.23
C PHE A 162 27.62 4.54 -10.38
N TRP A 163 27.48 5.22 -9.27
CA TRP A 163 26.88 6.54 -9.25
C TRP A 163 27.65 7.48 -10.16
N LYS A 164 26.96 8.42 -10.71
CA LYS A 164 27.59 9.55 -11.41
C LYS A 164 28.13 10.57 -10.42
N PRO A 165 29.39 10.94 -10.50
CA PRO A 165 29.90 12.04 -9.68
C PRO A 165 28.97 13.24 -9.72
N GLY A 166 28.80 13.86 -8.54
CA GLY A 166 28.02 15.06 -8.40
C GLY A 166 26.59 14.81 -7.98
N THR A 167 26.18 13.54 -7.88
CA THR A 167 24.80 13.17 -7.55
C THR A 167 24.55 13.46 -6.07
N ALA A 168 23.44 14.14 -5.81
CA ALA A 168 22.91 14.33 -4.45
C ALA A 168 22.00 13.18 -4.08
N VAL A 169 22.15 12.67 -2.86
CA VAL A 169 21.37 11.54 -2.40
C VAL A 169 20.78 11.88 -1.05
N ASP A 170 19.48 11.69 -0.88
CA ASP A 170 18.77 12.00 0.35
C ASP A 170 18.01 10.76 0.80
N VAL A 171 18.11 10.42 2.08
CA VAL A 171 17.58 9.18 2.63
C VAL A 171 16.70 9.53 3.82
N ALA A 172 15.43 9.14 3.77
CA ALA A 172 14.50 9.37 4.87
C ALA A 172 14.00 8.00 5.32
N VAL A 173 14.35 7.59 6.52
CA VAL A 173 13.96 6.30 7.06
C VAL A 173 12.85 6.65 8.06
N ASN A 174 11.61 6.50 7.63
CA ASN A 174 10.46 6.91 8.42
C ASN A 174 9.79 5.68 9.04
N THR A 175 10.50 5.11 9.99
CA THR A 175 10.11 3.87 10.62
C THR A 175 9.37 4.05 11.96
N TYR A 176 9.32 5.27 12.49
CA TYR A 176 8.59 5.46 13.73
C TYR A 176 7.10 5.28 13.47
N GLY A 177 6.47 4.44 14.29
CA GLY A 177 5.07 4.13 14.12
C GLY A 177 4.77 3.02 13.14
N VAL A 178 5.80 2.41 12.54
CA VAL A 178 5.61 1.42 11.50
C VAL A 178 5.80 0.05 12.11
N ASP A 179 4.83 -0.82 11.90
CA ASP A 179 4.92 -2.22 12.30
C ASP A 179 5.84 -2.92 11.31
N LEU A 180 7.04 -3.29 11.76
CA LEU A 180 8.03 -3.97 10.95
C LEU A 180 7.93 -5.49 11.10
N GLY A 181 6.84 -5.99 11.66
CA GLY A 181 6.55 -7.41 11.71
C GLY A 181 6.70 -7.97 13.11
N GLU A 182 5.77 -8.86 13.48
CA GLU A 182 5.85 -9.60 14.74
C GLU A 182 5.89 -8.66 15.93
N GLY A 183 5.15 -7.56 15.83
CA GLY A 183 5.07 -6.60 16.92
C GLY A 183 6.25 -5.70 17.08
N MET A 184 7.22 -5.77 16.16
N MET A 184 7.19 -5.71 16.13
CA MET A 184 8.37 -4.89 16.15
CA MET A 184 8.39 -4.89 16.22
C MET A 184 8.00 -3.58 15.50
C MET A 184 8.21 -3.58 15.46
N PHE A 185 8.27 -2.47 16.19
CA PHE A 185 8.03 -1.15 15.64
C PHE A 185 9.32 -0.32 15.65
N GLY A 186 9.35 0.67 14.77
CA GLY A 186 10.51 1.53 14.66
C GLY A 186 10.67 2.41 15.88
N GLU A 187 11.90 2.41 16.42
CA GLU A 187 12.18 3.19 17.62
C GLU A 187 12.23 4.69 17.32
N ASP A 188 12.61 5.07 16.11
CA ASP A 188 12.79 6.47 15.71
C ASP A 188 12.86 6.54 14.20
N ASN A 189 12.85 7.76 13.68
CA ASN A 189 13.13 8.02 12.28
C ASN A 189 14.57 8.49 12.16
N VAL A 190 15.09 8.43 10.93
N VAL A 190 15.11 8.41 10.95
CA VAL A 190 16.44 8.87 10.61
CA VAL A 190 16.43 8.97 10.68
C VAL A 190 16.40 9.58 9.26
C VAL A 190 16.45 9.55 9.28
N GLN A 191 17.26 10.59 9.11
CA GLN A 191 17.27 11.42 7.90
C GLN A 191 18.70 11.84 7.62
N THR A 192 19.26 11.39 6.50
CA THR A 192 20.65 11.70 6.14
C THR A 192 20.76 12.07 4.66
N HIS A 193 21.86 12.73 4.30
CA HIS A 193 22.05 13.24 2.95
C HIS A 193 23.52 13.17 2.64
N PHE A 194 23.86 12.76 1.41
CA PHE A 194 25.28 12.69 1.02
C PHE A 194 25.41 12.99 -0.45
N THR A 195 26.66 13.14 -0.89
CA THR A 195 26.98 13.57 -2.25
C THR A 195 28.08 12.67 -2.82
N ILE A 196 27.96 12.33 -4.09
CA ILE A 196 28.98 11.51 -4.76
C ILE A 196 30.10 12.40 -5.25
N GLY A 197 31.36 12.05 -4.87
CA GLY A 197 32.51 12.76 -5.35
C GLY A 197 33.14 12.20 -6.60
N ASP A 198 34.46 12.39 -6.70
CA ASP A 198 35.19 11.93 -7.87
C ASP A 198 35.16 10.41 -8.02
N GLU A 199 35.25 9.98 -9.28
CA GLU A 199 35.39 8.57 -9.62
C GLU A 199 36.82 8.12 -9.32
N VAL A 200 36.97 7.15 -8.41
CA VAL A 200 38.28 6.59 -8.05
C VAL A 200 38.16 5.09 -8.09
N ILE A 201 38.86 4.46 -9.02
CA ILE A 201 38.80 3.02 -9.21
C ILE A 201 40.24 2.49 -9.21
N ALA A 202 40.54 1.59 -8.26
CA ALA A 202 41.86 0.94 -8.19
C ALA A 202 41.73 -0.52 -8.62
N THR A 203 42.57 -0.95 -9.56
CA THR A 203 42.50 -2.31 -10.07
C THR A 203 43.77 -3.07 -9.69
N ALA A 204 43.58 -4.21 -9.03
CA ALA A 204 44.68 -5.11 -8.67
C ALA A 204 44.60 -6.27 -9.64
N ASP A 205 45.58 -6.41 -10.51
CA ASP A 205 45.60 -7.45 -11.55
C ASP A 205 46.67 -8.47 -11.19
N ASP A 206 46.22 -9.69 -10.87
CA ASP A 206 47.16 -10.74 -10.45
C ASP A 206 48.17 -11.09 -11.52
N ASN A 207 47.84 -10.82 -12.80
CA ASN A 207 48.81 -11.16 -13.86
C ASN A 207 50.01 -10.25 -13.81
N THR A 208 49.86 -9.02 -13.33
CA THR A 208 50.96 -8.09 -13.21
C THR A 208 51.42 -7.83 -11.79
N LYS A 209 50.58 -8.14 -10.78
CA LYS A 209 50.91 -7.87 -9.40
C LYS A 209 51.09 -6.38 -9.16
N ILE A 210 50.30 -5.57 -9.88
CA ILE A 210 50.26 -4.13 -9.71
C ILE A 210 48.85 -3.68 -9.34
N LEU A 211 48.77 -2.77 -8.37
CA LEU A 211 47.54 -2.08 -7.99
C LEU A 211 47.60 -0.68 -8.57
N THR A 212 46.75 -0.41 -9.57
CA THR A 212 46.76 0.83 -10.34
C THR A 212 45.56 1.67 -9.92
N VAL A 213 45.83 2.92 -9.54
CA VAL A 213 44.78 3.80 -9.05
C VAL A 213 44.44 4.78 -10.16
N ARG A 214 43.15 4.80 -10.55
CA ARG A 214 42.64 5.71 -11.57
C ARG A 214 41.65 6.68 -10.95
N VAL A 215 41.89 7.97 -11.18
CA VAL A 215 41.06 9.05 -10.71
C VAL A 215 40.49 9.73 -11.95
N ASN A 216 39.16 9.71 -12.09
CA ASN A 216 38.51 10.29 -13.27
C ASN A 216 39.09 9.71 -14.55
N GLY A 217 39.46 8.44 -14.51
CA GLY A 217 39.90 7.73 -15.69
C GLY A 217 41.39 7.77 -15.93
N GLU A 218 42.13 8.56 -15.16
CA GLU A 218 43.57 8.73 -15.38
C GLU A 218 44.36 7.97 -14.34
N VAL A 219 45.38 7.25 -14.79
CA VAL A 219 46.33 6.58 -13.91
C VAL A 219 47.12 7.61 -13.12
N VAL A 220 46.97 7.58 -11.80
CA VAL A 220 47.70 8.49 -10.92
C VAL A 220 48.68 7.79 -9.99
N LYS A 221 48.57 6.46 -9.84
CA LYS A 221 49.49 5.73 -9.00
C LYS A 221 49.54 4.29 -9.45
N SER A 222 50.74 3.69 -9.42
CA SER A 222 50.95 2.30 -9.79
C SER A 222 51.73 1.65 -8.66
N MET A 223 51.08 0.73 -7.94
CA MET A 223 51.63 0.16 -6.70
C MET A 223 51.96 -1.31 -6.86
N PRO A 224 53.23 -1.71 -6.85
CA PRO A 224 53.54 -3.14 -6.72
C PRO A 224 52.82 -3.70 -5.49
N THR A 225 52.21 -4.88 -5.66
CA THR A 225 51.50 -5.50 -4.56
C THR A 225 51.81 -7.00 -4.48
N SER A 226 51.64 -7.53 -3.27
CA SER A 226 51.65 -8.96 -3.01
C SER A 226 50.31 -9.30 -2.39
N MET A 227 49.55 -10.16 -3.05
CA MET A 227 48.20 -10.55 -2.59
C MET A 227 48.27 -11.94 -1.95
N GLY A 228 47.12 -12.58 -1.78
CA GLY A 228 47.09 -13.83 -1.04
C GLY A 228 47.81 -14.96 -1.79
N LYS A 229 48.58 -15.72 -1.04
CA LYS A 229 49.22 -16.91 -1.59
C LYS A 229 48.15 -17.92 -1.99
N ASP A 230 48.56 -18.91 -2.79
CA ASP A 230 47.59 -19.80 -3.41
C ASP A 230 46.66 -20.46 -2.42
N SER A 231 47.18 -20.87 -1.25
CA SER A 231 46.35 -21.56 -0.28
C SER A 231 45.43 -20.62 0.47
N THR A 232 45.70 -19.32 0.44
CA THR A 232 44.82 -18.31 1.05
C THR A 232 44.71 -17.13 0.09
N PRO A 233 44.02 -17.33 -1.01
CA PRO A 233 44.06 -16.32 -2.08
C PRO A 233 43.11 -15.16 -1.85
N THR A 234 43.39 -14.08 -2.56
CA THR A 234 42.56 -12.90 -2.59
C THR A 234 41.41 -13.10 -3.58
N ALA A 235 40.20 -12.83 -3.15
CA ALA A 235 39.07 -13.09 -4.02
C ALA A 235 39.02 -12.04 -5.12
N ASN A 236 38.66 -12.48 -6.32
CA ASN A 236 38.37 -11.54 -7.39
C ASN A 236 37.05 -10.85 -7.11
N GLY A 237 36.90 -9.66 -7.69
CA GLY A 237 35.62 -9.00 -7.74
C GLY A 237 35.73 -7.52 -7.40
N ILE A 238 34.57 -6.90 -7.20
CA ILE A 238 34.45 -5.48 -6.90
C ILE A 238 34.34 -5.30 -5.40
N TYR A 239 35.25 -4.52 -4.84
CA TYR A 239 35.23 -4.20 -3.42
C TYR A 239 34.94 -2.71 -3.24
N ILE A 240 34.11 -2.36 -2.23
CA ILE A 240 33.85 -0.98 -1.86
C ILE A 240 34.79 -0.57 -0.73
N VAL A 241 35.44 0.59 -0.86
CA VAL A 241 36.32 1.07 0.21
C VAL A 241 35.49 1.48 1.41
N GLY A 242 35.92 1.04 2.58
CA GLY A 242 35.25 1.37 3.85
C GLY A 242 36.10 2.25 4.72
N SER A 243 36.39 1.82 5.94
CA SER A 243 37.09 2.61 6.93
C SER A 243 38.60 2.62 6.68
N ARG A 244 39.25 3.59 7.31
N ARG A 244 39.26 3.57 7.32
CA ARG A 244 40.67 3.89 7.18
CA ARG A 244 40.70 3.76 7.14
C ARG A 244 41.30 3.87 8.57
C ARG A 244 41.35 3.96 8.51
N TYR A 245 42.53 3.36 8.69
CA TYR A 245 43.24 3.38 9.95
C TYR A 245 44.71 3.73 9.79
N LYS A 246 45.19 4.67 10.60
CA LYS A 246 46.63 4.93 10.64
C LYS A 246 47.41 3.70 11.05
N HIS A 247 46.87 2.94 11.99
CA HIS A 247 47.46 1.67 12.41
C HIS A 247 46.32 0.84 12.99
N ILE A 248 46.42 -0.48 12.85
CA ILE A 248 45.41 -1.37 13.42
C ILE A 248 45.99 -2.75 13.62
N ILE A 249 45.52 -3.43 14.67
CA ILE A 249 45.97 -4.80 14.93
C ILE A 249 45.05 -5.74 14.16
N MET A 250 45.62 -6.51 13.25
CA MET A 250 44.96 -7.52 12.45
C MET A 250 45.01 -8.82 13.24
N ASP A 251 43.83 -9.33 13.65
CA ASP A 251 43.72 -10.46 14.58
C ASP A 251 42.78 -11.47 13.93
N SER A 252 43.29 -12.66 13.63
CA SER A 252 42.49 -13.65 12.91
C SER A 252 41.29 -14.13 13.73
N SER A 253 41.39 -14.11 15.06
CA SER A 253 40.27 -14.55 15.87
C SER A 253 39.02 -13.73 15.60
N THR A 254 39.19 -12.50 15.10
CA THR A 254 38.05 -11.69 14.66
C THR A 254 37.10 -12.46 13.75
N TYR A 255 37.64 -13.46 13.04
CA TYR A 255 36.94 -14.26 12.05
C TYR A 255 36.85 -15.73 12.42
N GLY A 256 36.95 -16.09 13.71
CA GLY A 256 36.83 -17.45 14.07
C GLY A 256 38.04 -18.30 13.80
N VAL A 257 39.15 -17.68 13.41
CA VAL A 257 40.38 -18.38 13.09
C VAL A 257 41.35 -18.19 14.28
N PRO A 258 41.60 -19.23 15.05
CA PRO A 258 42.51 -19.06 16.20
C PRO A 258 43.86 -18.53 15.74
N VAL A 259 44.43 -17.62 16.54
CA VAL A 259 45.71 -17.01 16.19
C VAL A 259 46.81 -18.05 16.03
N ASN A 260 46.75 -19.15 16.77
CA ASN A 260 47.83 -20.14 16.71
C ASN A 260 47.56 -21.27 15.71
N SER A 261 46.49 -21.18 14.93
N SER A 261 46.49 -21.18 14.93
CA SER A 261 46.19 -22.18 13.91
CA SER A 261 46.19 -22.18 13.91
C SER A 261 47.02 -21.91 12.67
C SER A 261 47.03 -21.91 12.66
N PRO A 262 47.06 -22.87 11.73
CA PRO A 262 47.88 -22.66 10.52
C PRO A 262 47.66 -21.35 9.80
N ASN A 263 46.42 -20.91 9.63
CA ASN A 263 46.16 -19.66 8.92
C ASN A 263 45.95 -18.49 9.86
N GLY A 264 46.22 -18.66 11.17
CA GLY A 264 46.02 -17.57 12.10
C GLY A 264 47.11 -16.53 12.06
N TYR A 265 46.81 -15.38 12.66
CA TYR A 265 47.76 -14.27 12.68
C TYR A 265 47.31 -13.25 13.70
N ARG A 266 48.27 -12.47 14.18
CA ARG A 266 47.95 -11.31 15.01
C ARG A 266 49.13 -10.36 14.86
N THR A 267 48.95 -9.30 14.07
N THR A 267 48.95 -9.28 14.11
CA THR A 267 50.02 -8.37 13.75
CA THR A 267 50.05 -8.36 13.92
C THR A 267 49.46 -6.95 13.68
C THR A 267 49.52 -6.96 13.61
N ASP A 268 50.32 -5.99 14.02
CA ASP A 268 49.98 -4.57 13.95
C ASP A 268 50.52 -4.03 12.62
N VAL A 269 49.66 -3.33 11.89
CA VAL A 269 50.08 -2.79 10.60
C VAL A 269 49.71 -1.32 10.52
N ASP A 270 50.38 -0.62 9.61
CA ASP A 270 50.17 0.79 9.35
C ASP A 270 49.32 1.01 8.10
N TRP A 271 48.67 2.17 8.07
CA TRP A 271 48.04 2.68 6.87
C TRP A 271 47.16 1.63 6.20
N ALA A 272 46.10 1.23 6.92
CA ALA A 272 45.26 0.14 6.46
C ALA A 272 43.91 0.68 6.02
N THR A 273 43.54 0.37 4.80
CA THR A 273 42.24 0.76 4.22
C THR A 273 41.41 -0.50 4.05
N GLN A 274 40.27 -0.54 4.72
CA GLN A 274 39.38 -1.69 4.65
C GLN A 274 38.62 -1.74 3.33
N ILE A 275 38.56 -2.93 2.72
CA ILE A 275 37.79 -3.10 1.51
C ILE A 275 36.84 -4.29 1.55
N SER A 276 36.84 -5.08 2.62
CA SER A 276 35.79 -6.08 2.81
C SER A 276 35.55 -6.34 4.29
N TYR A 277 34.30 -6.69 4.58
CA TYR A 277 33.96 -7.08 5.95
C TYR A 277 34.68 -8.36 6.34
N SER A 278 35.03 -9.20 5.35
CA SER A 278 35.78 -10.41 5.61
C SER A 278 37.23 -10.12 6.00
N GLY A 279 37.62 -8.83 6.03
CA GLY A 279 38.91 -8.43 6.58
C GLY A 279 39.99 -8.14 5.57
N VAL A 280 39.65 -8.01 4.29
CA VAL A 280 40.64 -7.62 3.28
C VAL A 280 40.89 -6.12 3.43
N PHE A 281 42.16 -5.76 3.48
CA PHE A 281 42.63 -4.39 3.51
C PHE A 281 43.75 -4.21 2.49
N VAL A 282 43.96 -2.95 2.11
CA VAL A 282 45.22 -2.48 1.55
C VAL A 282 46.02 -1.94 2.72
N HIS A 283 47.27 -2.38 2.90
CA HIS A 283 48.01 -1.92 4.04
C HIS A 283 49.51 -1.97 3.79
N SER A 284 50.23 -1.26 4.65
CA SER A 284 51.68 -1.26 4.59
C SER A 284 52.22 -2.63 5.00
N ALA A 285 53.18 -3.13 4.24
CA ALA A 285 53.77 -4.45 4.46
C ALA A 285 55.25 -4.36 4.16
N PRO A 286 56.02 -3.76 5.06
CA PRO A 286 57.48 -3.69 4.84
C PRO A 286 58.12 -5.06 4.61
N TRP A 287 57.58 -6.11 5.22
CA TRP A 287 58.18 -7.43 5.17
C TRP A 287 58.01 -8.13 3.83
N SER A 288 57.15 -7.63 2.93
CA SER A 288 56.95 -8.29 1.64
C SER A 288 57.32 -7.41 0.46
N VAL A 289 58.08 -6.35 0.67
CA VAL A 289 58.39 -5.43 -0.43
C VAL A 289 59.13 -6.16 -1.54
N GLY A 290 59.98 -7.12 -1.20
CA GLY A 290 60.69 -7.87 -2.22
C GLY A 290 59.77 -8.70 -3.09
N ALA A 291 58.68 -9.19 -2.51
CA ALA A 291 57.70 -9.97 -3.25
C ALA A 291 56.69 -9.11 -3.99
N GLN A 292 56.53 -7.86 -3.58
CA GLN A 292 55.52 -7.00 -4.18
C GLN A 292 55.87 -6.74 -5.63
N GLY A 293 54.92 -7.01 -6.52
CA GLY A 293 55.16 -6.95 -7.94
C GLY A 293 55.65 -8.24 -8.55
N HIS A 294 55.79 -9.31 -7.75
CA HIS A 294 56.34 -10.56 -8.23
C HIS A 294 55.57 -11.78 -7.78
N THR A 295 55.33 -11.92 -6.48
CA THR A 295 54.73 -13.15 -5.99
C THR A 295 53.76 -12.83 -4.86
N ASN A 296 52.75 -13.66 -4.74
CA ASN A 296 51.75 -13.50 -3.68
C ASN A 296 52.17 -14.25 -2.44
N THR A 297 52.13 -13.54 -1.29
CA THR A 297 52.61 -14.10 -0.03
C THR A 297 51.66 -13.93 1.15
N SER A 298 50.54 -13.24 0.99
CA SER A 298 49.74 -12.84 2.14
C SER A 298 48.64 -13.86 2.41
N HIS A 299 47.82 -13.57 3.42
CA HIS A 299 46.66 -14.36 3.76
C HIS A 299 45.39 -13.92 3.01
N GLY A 300 45.54 -12.95 2.11
CA GLY A 300 44.43 -12.40 1.35
C GLY A 300 44.45 -10.92 1.17
N CYS A 301 45.16 -10.22 2.06
CA CYS A 301 45.21 -8.76 1.94
C CYS A 301 46.18 -8.26 0.83
N LEU A 302 46.00 -7.01 0.42
CA LEU A 302 46.78 -6.37 -0.62
C LEU A 302 47.95 -5.68 0.07
N ASN A 303 49.10 -6.37 0.08
CA ASN A 303 50.34 -5.81 0.61
C ASN A 303 50.91 -4.78 -0.36
N VAL A 304 51.18 -3.56 0.12
CA VAL A 304 51.92 -2.56 -0.66
C VAL A 304 53.02 -1.97 0.24
N SER A 305 53.83 -1.07 -0.35
CA SER A 305 54.91 -0.45 0.39
C SER A 305 54.33 0.54 1.40
N PRO A 306 55.08 0.85 2.46
CA PRO A 306 54.60 1.88 3.39
C PRO A 306 54.19 3.19 2.74
N SER A 307 54.97 3.70 1.78
CA SER A 307 54.62 4.95 1.15
C SER A 307 53.35 4.82 0.31
N ASN A 308 53.21 3.74 -0.45
CA ASN A 308 51.98 3.53 -1.23
C ASN A 308 50.75 3.30 -0.34
N ALA A 309 50.91 2.60 0.79
CA ALA A 309 49.77 2.41 1.68
C ALA A 309 49.33 3.73 2.28
N GLN A 310 50.28 4.62 2.64
CA GLN A 310 49.88 5.92 3.15
C GLN A 310 49.24 6.77 2.05
N TRP A 311 49.79 6.70 0.83
CA TRP A 311 49.17 7.41 -0.28
C TRP A 311 47.74 6.94 -0.50
N PHE A 312 47.52 5.62 -0.48
CA PHE A 312 46.16 5.08 -0.58
C PHE A 312 45.26 5.63 0.53
N TYR A 313 45.73 5.55 1.76
CA TYR A 313 45.00 6.12 2.90
C TYR A 313 44.66 7.60 2.67
N ASP A 314 45.61 8.37 2.15
CA ASP A 314 45.41 9.80 1.98
C ASP A 314 44.53 10.16 0.78
N HIS A 315 44.47 9.30 -0.25
CA HIS A 315 43.83 9.70 -1.51
C HIS A 315 42.59 8.93 -1.89
N VAL A 316 42.20 7.93 -1.13
CA VAL A 316 41.01 7.13 -1.38
C VAL A 316 40.04 7.36 -0.24
N LYS A 317 38.76 7.36 -0.56
CA LYS A 317 37.71 7.70 0.39
C LYS A 317 36.66 6.59 0.39
N ARG A 318 35.84 6.60 1.44
N ARG A 318 35.87 6.59 1.45
CA ARG A 318 34.75 5.65 1.56
CA ARG A 318 34.75 5.65 1.57
C ARG A 318 33.89 5.69 0.30
C ARG A 318 33.90 5.69 0.31
N GLY A 319 33.64 4.50 -0.27
CA GLY A 319 32.84 4.40 -1.47
C GLY A 319 33.60 4.35 -2.76
N ASP A 320 34.90 4.68 -2.74
CA ASP A 320 35.73 4.37 -3.89
C ASP A 320 35.80 2.86 -4.09
N ILE A 321 36.39 2.44 -5.24
CA ILE A 321 36.33 1.06 -5.67
C ILE A 321 37.70 0.44 -5.79
N VAL A 322 37.85 -0.78 -5.31
CA VAL A 322 38.97 -1.66 -5.64
C VAL A 322 38.40 -2.86 -6.38
N GLU A 323 38.93 -3.14 -7.57
CA GLU A 323 38.57 -4.33 -8.31
C GLU A 323 39.78 -5.22 -8.39
N VAL A 324 39.61 -6.48 -8.02
CA VAL A 324 40.65 -7.51 -8.11
C VAL A 324 40.31 -8.45 -9.27
N VAL A 325 41.29 -8.72 -10.12
CA VAL A 325 41.08 -9.59 -11.27
C VAL A 325 42.24 -10.59 -11.42
N ASN A 326 41.90 -11.76 -11.95
CA ASN A 326 42.82 -12.80 -12.37
C ASN A 326 43.53 -13.52 -11.23
N THR A 327 43.00 -13.50 -9.99
CA THR A 327 43.60 -14.31 -8.96
C THR A 327 43.12 -15.76 -9.10
N VAL A 328 43.78 -16.67 -8.34
CA VAL A 328 43.28 -18.05 -8.27
C VAL A 328 42.12 -18.21 -7.30
N GLY A 329 41.64 -17.13 -6.71
CA GLY A 329 40.54 -17.17 -5.78
C GLY A 329 39.21 -17.22 -6.48
N GLY A 330 38.17 -17.35 -5.69
CA GLY A 330 36.81 -17.20 -6.19
C GLY A 330 36.44 -15.75 -6.32
N THR A 331 35.15 -15.47 -6.20
CA THR A 331 34.62 -14.11 -6.25
C THR A 331 34.12 -13.70 -4.87
N LEU A 332 34.36 -12.45 -4.54
CA LEU A 332 33.95 -11.94 -3.25
C LEU A 332 32.43 -12.04 -3.14
N PRO A 333 31.90 -12.57 -2.02
CA PRO A 333 30.43 -12.67 -1.87
C PRO A 333 29.74 -11.32 -1.99
N GLY A 334 28.62 -11.31 -2.73
CA GLY A 334 27.80 -10.13 -2.84
C GLY A 334 27.25 -9.62 -1.53
N ILE A 335 27.10 -10.49 -0.52
CA ILE A 335 26.56 -10.09 0.77
C ILE A 335 27.66 -9.91 1.83
N ASP A 336 28.92 -9.76 1.40
CA ASP A 336 30.00 -9.57 2.34
C ASP A 336 29.75 -8.42 3.31
N GLY A 337 29.24 -7.30 2.81
CA GLY A 337 29.17 -6.06 3.54
C GLY A 337 29.71 -4.92 2.66
N LEU A 338 30.74 -5.24 1.87
CA LEU A 338 31.32 -4.30 0.91
C LEU A 338 31.42 -4.93 -0.47
N GLY A 339 30.67 -6.01 -0.71
CA GLY A 339 30.69 -6.72 -1.97
C GLY A 339 29.45 -6.55 -2.82
N ASP A 340 28.67 -5.50 -2.53
CA ASP A 340 27.35 -5.34 -3.14
C ASP A 340 27.36 -5.41 -4.67
N TRP A 341 28.39 -4.84 -5.31
CA TRP A 341 28.42 -4.80 -6.77
C TRP A 341 28.65 -6.16 -7.42
N ASN A 342 28.97 -7.18 -6.65
CA ASN A 342 29.14 -8.49 -7.21
C ASN A 342 27.82 -9.23 -7.39
N ILE A 343 26.74 -8.69 -6.85
CA ILE A 343 25.43 -9.26 -7.14
C ILE A 343 24.98 -8.78 -8.53
N PRO A 344 24.61 -9.67 -9.42
CA PRO A 344 24.14 -9.22 -10.75
C PRO A 344 22.94 -8.30 -10.63
N TRP A 345 22.86 -7.32 -11.52
CA TRP A 345 21.81 -6.30 -11.39
C TRP A 345 20.44 -6.91 -11.40
N ASP A 346 20.20 -7.91 -12.27
CA ASP A 346 18.84 -8.46 -12.35
C ASP A 346 18.40 -9.07 -11.02
N GLN A 347 19.33 -9.75 -10.36
CA GLN A 347 19.07 -10.31 -9.04
C GLN A 347 18.90 -9.23 -7.99
N TRP A 348 19.77 -8.20 -7.99
CA TRP A 348 19.63 -7.10 -7.04
C TRP A 348 18.29 -6.39 -7.26
N ARG A 349 18.01 -6.05 -8.52
CA ARG A 349 16.80 -5.31 -8.86
C ARG A 349 15.56 -6.07 -8.39
N ALA A 350 15.54 -7.39 -8.58
CA ALA A 350 14.39 -8.20 -8.14
C ALA A 350 14.26 -8.23 -6.61
N GLY A 351 15.35 -7.97 -5.89
CA GLY A 351 15.30 -7.86 -4.44
C GLY A 351 15.03 -9.20 -3.77
N ASN A 352 14.88 -9.14 -2.46
CA ASN A 352 14.62 -10.33 -1.67
C ASN A 352 13.78 -9.99 -0.44
N ALA A 353 12.79 -9.13 -0.63
CA ALA A 353 11.89 -8.79 0.46
C ALA A 353 11.07 -10.00 0.90
N LYS A 354 10.86 -10.97 -0.01
CA LYS A 354 10.09 -12.19 0.25
C LYS A 354 8.62 -11.83 0.31
N LEU B 5 -59.00 -22.30 28.45
CA LEU B 5 -58.51 -21.04 27.88
C LEU B 5 -58.96 -20.89 26.43
N VAL B 6 -59.33 -19.66 26.05
CA VAL B 6 -59.69 -19.36 24.67
C VAL B 6 -58.43 -18.94 23.93
N PRO B 7 -58.18 -19.45 22.73
CA PRO B 7 -56.96 -19.04 22.02
C PRO B 7 -56.93 -17.56 21.70
N LYS B 8 -55.71 -17.01 21.63
CA LYS B 8 -55.49 -15.62 21.23
C LYS B 8 -54.69 -15.62 19.94
N LEU B 9 -55.05 -14.72 19.03
CA LEU B 9 -54.41 -14.62 17.72
C LEU B 9 -53.78 -13.25 17.58
N THR B 10 -52.45 -13.24 17.38
CA THR B 10 -51.70 -12.01 17.12
C THR B 10 -50.96 -12.18 15.81
N ALA B 11 -50.57 -11.05 15.23
CA ALA B 11 -49.91 -11.09 13.95
C ALA B 11 -48.79 -10.07 13.97
N SER B 12 -47.90 -10.18 12.98
CA SER B 12 -46.82 -9.22 12.82
C SER B 12 -47.30 -7.96 12.09
N VAL B 13 -48.56 -7.93 11.68
CA VAL B 13 -49.23 -6.74 11.21
C VAL B 13 -50.47 -6.57 12.07
N THR B 14 -51.04 -5.37 12.03
CA THR B 14 -52.26 -5.10 12.76
C THR B 14 -53.39 -4.67 11.82
N ASP B 15 -54.63 -4.84 12.29
CA ASP B 15 -55.78 -4.54 11.46
C ASP B 15 -55.83 -3.05 11.09
N GLY B 16 -56.00 -2.79 9.79
CA GLY B 16 -56.07 -1.42 9.31
C GLY B 16 -54.73 -0.82 8.95
N ALA B 17 -53.66 -1.52 9.19
CA ALA B 17 -52.35 -0.94 8.95
C ALA B 17 -52.18 -0.56 7.49
N VAL B 18 -51.48 0.55 7.24
CA VAL B 18 -51.09 0.96 5.91
C VAL B 18 -49.59 1.18 5.89
N GLY B 19 -49.04 1.27 4.69
CA GLY B 19 -47.61 1.44 4.54
C GLY B 19 -46.79 0.27 5.07
N VAL B 20 -47.40 -0.91 5.15
CA VAL B 20 -46.69 -2.09 5.61
C VAL B 20 -45.57 -2.41 4.63
N THR B 21 -44.35 -2.52 5.13
CA THR B 21 -43.21 -2.75 4.24
C THR B 21 -43.11 -4.23 3.85
N VAL B 22 -42.64 -4.50 2.64
CA VAL B 22 -42.62 -5.86 2.11
C VAL B 22 -41.21 -6.42 2.11
N ASP B 23 -40.33 -5.88 2.97
CA ASP B 23 -39.01 -6.46 3.21
C ASP B 23 -39.05 -7.62 4.19
N ALA B 24 -40.23 -8.00 4.69
CA ALA B 24 -40.26 -9.06 5.70
C ALA B 24 -41.50 -9.90 5.51
N PRO B 25 -41.47 -11.18 5.85
CA PRO B 25 -42.69 -11.97 5.81
C PRO B 25 -43.65 -11.53 6.91
N VAL B 26 -44.91 -11.87 6.69
CA VAL B 26 -45.97 -11.63 7.67
C VAL B 26 -46.29 -12.94 8.35
N SER B 27 -46.49 -12.87 9.67
CA SER B 27 -46.75 -14.06 10.47
C SER B 27 -47.99 -13.90 11.34
N VAL B 28 -48.54 -15.05 11.74
CA VAL B 28 -49.64 -15.12 12.70
C VAL B 28 -49.24 -16.13 13.76
N THR B 29 -49.51 -15.82 15.02
CA THR B 29 -49.14 -16.68 16.13
C THR B 29 -50.34 -16.93 17.02
N ALA B 30 -50.53 -18.18 17.41
CA ALA B 30 -51.55 -18.55 18.37
C ALA B 30 -50.96 -18.71 19.76
N ALA B 31 -51.68 -18.17 20.74
CA ALA B 31 -51.39 -18.39 22.16
C ALA B 31 -52.59 -19.08 22.78
N ASP B 32 -52.31 -19.99 23.71
CA ASP B 32 -53.34 -20.75 24.42
C ASP B 32 -54.17 -21.61 23.47
N GLY B 33 -53.51 -22.18 22.48
CA GLY B 33 -54.18 -22.98 21.48
C GLY B 33 -53.29 -23.08 20.25
N VAL B 34 -53.86 -23.72 19.21
CA VAL B 34 -53.13 -23.92 17.96
C VAL B 34 -53.95 -23.34 16.81
N LEU B 35 -53.25 -22.97 15.75
CA LEU B 35 -53.86 -22.48 14.53
C LEU B 35 -54.39 -23.66 13.75
N ALA B 36 -55.68 -23.60 13.39
CA ALA B 36 -56.22 -24.64 12.52
C ALA B 36 -55.97 -24.28 11.07
N ALA B 37 -56.13 -23.01 10.71
CA ALA B 37 -55.87 -22.60 9.34
C ALA B 37 -55.70 -21.09 9.29
N VAL B 38 -54.89 -20.66 8.33
CA VAL B 38 -54.67 -19.24 8.07
C VAL B 38 -54.71 -19.06 6.57
N THR B 39 -55.44 -18.06 6.10
CA THR B 39 -55.49 -17.74 4.69
C THR B 39 -55.18 -16.28 4.54
N MET B 40 -54.41 -15.94 3.51
N MET B 40 -54.38 -15.94 3.53
CA MET B 40 -54.15 -14.56 3.14
CA MET B 40 -54.14 -14.57 3.13
C MET B 40 -54.37 -14.45 1.64
C MET B 40 -54.42 -14.50 1.64
N VAL B 41 -55.14 -13.46 1.22
CA VAL B 41 -55.45 -13.22 -0.18
C VAL B 41 -55.13 -11.77 -0.49
N ASN B 42 -54.72 -11.49 -1.73
CA ASN B 42 -54.53 -10.11 -2.13
C ASN B 42 -55.85 -9.52 -2.63
N ASP B 43 -55.79 -8.26 -3.07
CA ASP B 43 -56.99 -7.55 -3.47
C ASP B 43 -57.64 -8.10 -4.74
N ASN B 44 -56.98 -9.00 -5.46
CA ASN B 44 -57.57 -9.69 -6.60
C ASN B 44 -58.06 -11.09 -6.25
N GLY B 45 -58.07 -11.45 -4.97
CA GLY B 45 -58.49 -12.76 -4.56
C GLY B 45 -57.45 -13.86 -4.68
N ARG B 46 -56.22 -13.53 -5.03
CA ARG B 46 -55.24 -14.59 -5.23
C ARG B 46 -54.67 -15.00 -3.87
N PRO B 47 -54.66 -16.28 -3.53
CA PRO B 47 -54.06 -16.70 -2.26
C PRO B 47 -52.58 -16.39 -2.23
N VAL B 48 -52.07 -16.13 -1.03
CA VAL B 48 -50.65 -15.97 -0.78
C VAL B 48 -50.11 -17.27 -0.21
N ALA B 49 -48.96 -17.71 -0.73
CA ALA B 49 -48.32 -18.91 -0.20
C ALA B 49 -47.87 -18.69 1.23
N GLY B 50 -48.19 -19.67 2.09
CA GLY B 50 -47.78 -19.61 3.48
C GLY B 50 -47.68 -21.00 4.05
N ARG B 51 -47.13 -21.07 5.26
CA ARG B 51 -46.86 -22.38 5.87
C ARG B 51 -47.07 -22.31 7.37
N LEU B 52 -47.81 -23.28 7.89
CA LEU B 52 -48.02 -23.45 9.31
C LEU B 52 -46.90 -24.28 9.89
N SER B 53 -46.38 -23.84 11.04
CA SER B 53 -45.34 -24.61 11.70
C SER B 53 -45.86 -25.98 12.16
N PRO B 54 -44.95 -26.95 12.29
CA PRO B 54 -45.41 -28.30 12.68
C PRO B 54 -46.14 -28.32 14.02
N ASP B 55 -45.74 -27.48 14.97
CA ASP B 55 -46.44 -27.46 16.25
C ASP B 55 -47.76 -26.69 16.20
N GLY B 56 -48.11 -26.11 15.05
CA GLY B 56 -49.38 -25.43 14.87
C GLY B 56 -49.45 -24.06 15.48
N LEU B 57 -48.34 -23.55 16.06
CA LEU B 57 -48.36 -22.27 16.74
C LEU B 57 -48.07 -21.07 15.87
N ARG B 58 -47.35 -21.23 14.75
CA ARG B 58 -46.85 -20.12 13.96
C ARG B 58 -47.09 -20.37 12.48
N TRP B 59 -47.73 -19.40 11.83
CA TRP B 59 -47.91 -19.38 10.39
C TRP B 59 -47.16 -18.20 9.82
N SER B 60 -46.59 -18.38 8.63
CA SER B 60 -45.89 -17.30 7.97
C SER B 60 -46.10 -17.39 6.46
N THR B 61 -46.13 -16.22 5.82
CA THR B 61 -46.03 -16.17 4.36
C THR B 61 -44.70 -16.76 3.92
N THR B 62 -44.71 -17.40 2.74
CA THR B 62 -43.51 -18.00 2.20
C THR B 62 -43.16 -17.48 0.80
N GLU B 63 -43.89 -16.46 0.31
CA GLU B 63 -43.53 -15.78 -0.91
C GLU B 63 -43.51 -14.28 -0.67
N GLN B 64 -42.79 -13.59 -1.55
CA GLN B 64 -42.70 -12.14 -1.44
C GLN B 64 -44.08 -11.50 -1.56
N LEU B 65 -44.34 -10.52 -0.72
CA LEU B 65 -45.53 -9.66 -0.84
C LEU B 65 -45.23 -8.50 -1.78
N GLY B 66 -46.27 -7.97 -2.38
CA GLY B 66 -46.16 -6.99 -3.46
C GLY B 66 -46.39 -5.57 -2.96
N TYR B 67 -45.76 -4.64 -3.63
CA TYR B 67 -46.07 -3.23 -3.46
C TYR B 67 -47.52 -2.94 -3.83
N ASN B 68 -48.08 -1.92 -3.21
CA ASN B 68 -49.37 -1.35 -3.61
C ASN B 68 -50.49 -2.39 -3.67
N ARG B 69 -50.44 -3.34 -2.73
CA ARG B 69 -51.51 -4.32 -2.56
C ARG B 69 -52.27 -4.17 -1.25
N ARG B 70 -53.49 -4.71 -1.23
CA ARG B 70 -54.27 -4.86 -0.01
C ARG B 70 -54.43 -6.35 0.24
N TYR B 71 -54.01 -6.78 1.43
CA TYR B 71 -54.13 -8.18 1.84
C TYR B 71 -55.18 -8.33 2.94
N THR B 72 -55.85 -9.48 2.94
CA THR B 72 -56.86 -9.84 3.92
C THR B 72 -56.49 -11.19 4.50
N LEU B 73 -56.35 -11.24 5.80
CA LEU B 73 -55.89 -12.41 6.54
C LEU B 73 -57.10 -12.92 7.33
N ASN B 74 -57.36 -14.22 7.25
CA ASN B 74 -58.33 -14.90 8.10
C ASN B 74 -57.63 -16.02 8.84
N ALA B 75 -57.81 -16.10 10.17
CA ALA B 75 -57.20 -17.17 10.94
C ALA B 75 -58.20 -17.78 11.90
N THR B 76 -58.13 -19.09 12.08
CA THR B 76 -58.95 -19.82 13.03
C THR B 76 -58.02 -20.59 13.96
N ALA B 77 -58.29 -20.54 15.25
CA ALA B 77 -57.49 -21.27 16.23
C ALA B 77 -58.41 -22.06 17.14
N LEU B 78 -57.89 -23.18 17.66
CA LEU B 78 -58.62 -24.01 18.60
C LEU B 78 -57.79 -24.21 19.85
N GLY B 79 -58.45 -24.14 21.01
CA GLY B 79 -57.82 -24.44 22.28
C GLY B 79 -58.77 -25.21 23.18
N LEU B 80 -58.27 -25.56 24.36
CA LEU B 80 -59.07 -26.33 25.31
C LEU B 80 -60.35 -25.60 25.71
N GLY B 81 -60.38 -24.28 25.59
CA GLY B 81 -61.56 -23.52 25.96
C GLY B 81 -62.54 -23.35 24.83
N GLY B 82 -62.07 -23.51 23.61
CA GLY B 82 -62.91 -23.36 22.44
C GLY B 82 -62.12 -22.75 21.30
N ALA B 83 -62.86 -22.22 20.33
CA ALA B 83 -62.28 -21.70 19.10
C ALA B 83 -62.23 -20.18 19.12
N ALA B 84 -61.38 -19.62 18.25
CA ALA B 84 -61.29 -18.19 18.04
C ALA B 84 -61.00 -17.95 16.57
N THR B 85 -61.46 -16.82 16.07
N THR B 85 -61.49 -16.84 16.06
CA THR B 85 -61.22 -16.48 14.68
CA THR B 85 -61.20 -16.49 14.67
C THR B 85 -60.90 -14.99 14.58
C THR B 85 -60.84 -15.01 14.61
N ARG B 86 -60.12 -14.64 13.57
CA ARG B 86 -59.80 -13.24 13.36
C ARG B 86 -59.70 -12.93 11.88
N GLN B 87 -60.13 -11.73 11.53
CA GLN B 87 -60.02 -11.19 10.19
C GLN B 87 -59.31 -9.85 10.31
N LEU B 88 -58.20 -9.68 9.54
N LEU B 88 -58.23 -9.64 9.55
CA LEU B 88 -57.43 -8.45 9.49
CA LEU B 88 -57.59 -8.34 9.52
C LEU B 88 -57.22 -8.07 8.01
C LEU B 88 -57.11 -8.00 8.11
N THR B 89 -57.07 -6.78 7.75
N THR B 89 -57.06 -6.72 7.83
CA THR B 89 -56.66 -6.33 6.42
CA THR B 89 -56.72 -6.19 6.52
C THR B 89 -55.65 -5.21 6.58
C THR B 89 -55.58 -5.21 6.66
N PHE B 90 -54.69 -5.18 5.67
CA PHE B 90 -53.63 -4.19 5.67
C PHE B 90 -53.22 -3.88 4.25
N GLN B 91 -52.53 -2.75 4.08
N GLN B 91 -52.58 -2.72 4.08
CA GLN B 91 -52.07 -2.26 2.78
CA GLN B 91 -52.06 -2.27 2.79
C GLN B 91 -50.56 -2.06 2.82
C GLN B 91 -50.55 -2.14 2.86
N THR B 92 -49.87 -2.58 1.81
CA THR B 92 -48.42 -2.45 1.74
C THR B 92 -48.01 -1.10 1.12
N SER B 93 -46.74 -0.81 1.26
CA SER B 93 -46.15 0.41 0.73
C SER B 93 -46.57 0.63 -0.71
N SER B 94 -46.94 1.85 -1.02
CA SER B 94 -47.22 2.30 -2.39
C SER B 94 -46.12 3.24 -2.83
N PRO B 95 -45.10 2.75 -3.51
CA PRO B 95 -43.96 3.61 -3.86
C PRO B 95 -44.37 4.67 -4.86
N ALA B 96 -43.80 5.87 -4.70
CA ALA B 96 -43.89 6.87 -5.75
C ALA B 96 -42.91 6.57 -6.89
N HIS B 97 -41.78 5.95 -6.57
N HIS B 97 -41.77 5.96 -6.58
CA HIS B 97 -40.75 5.61 -7.55
CA HIS B 97 -40.74 5.62 -7.54
C HIS B 97 -40.10 4.30 -7.16
C HIS B 97 -40.12 4.29 -7.16
N LEU B 98 -39.54 3.61 -8.15
CA LEU B 98 -38.70 2.44 -7.92
C LEU B 98 -37.31 2.71 -8.46
N THR B 99 -36.33 2.07 -7.84
CA THR B 99 -34.95 2.10 -8.33
C THR B 99 -34.33 0.71 -8.25
N MET B 100 -33.58 0.33 -9.27
CA MET B 100 -32.93 -0.95 -9.36
C MET B 100 -31.46 -0.82 -8.98
N PRO B 101 -30.96 -1.64 -8.06
CA PRO B 101 -29.51 -1.66 -7.81
C PRO B 101 -28.78 -2.59 -8.75
N TYR B 102 -27.51 -2.25 -9.00
CA TYR B 102 -26.59 -3.04 -9.77
C TYR B 102 -25.28 -3.17 -9.02
N VAL B 103 -24.81 -4.40 -8.84
CA VAL B 103 -23.66 -4.68 -7.99
C VAL B 103 -22.47 -5.15 -8.82
N MET B 104 -21.30 -4.72 -8.40
CA MET B 104 -20.03 -5.13 -8.97
C MET B 104 -19.08 -5.40 -7.82
N PRO B 105 -18.12 -6.32 -7.97
CA PRO B 105 -17.86 -7.11 -9.17
C PRO B 105 -18.85 -8.24 -9.38
N GLY B 106 -18.67 -9.00 -10.45
CA GLY B 106 -19.63 -10.02 -10.80
C GLY B 106 -19.62 -11.22 -9.88
N ASP B 107 -20.76 -11.91 -9.85
CA ASP B 107 -20.90 -13.08 -8.98
C ASP B 107 -19.93 -14.18 -9.41
N GLY B 108 -19.23 -14.77 -8.44
CA GLY B 108 -18.30 -15.85 -8.70
C GLY B 108 -16.93 -15.39 -9.15
N GLU B 109 -16.74 -14.09 -9.37
CA GLU B 109 -15.46 -13.65 -9.93
C GLU B 109 -14.33 -13.69 -8.90
N VAL B 110 -13.12 -13.70 -9.41
CA VAL B 110 -11.92 -13.56 -8.61
C VAL B 110 -11.29 -12.24 -9.03
N VAL B 111 -11.07 -11.34 -8.07
CA VAL B 111 -10.63 -9.98 -8.34
C VAL B 111 -9.39 -9.67 -7.53
N GLY B 112 -8.76 -8.53 -7.86
CA GLY B 112 -7.54 -8.09 -7.21
C GLY B 112 -7.79 -7.40 -5.87
N VAL B 113 -6.68 -7.04 -5.22
CA VAL B 113 -6.75 -6.59 -3.84
C VAL B 113 -7.29 -5.16 -3.69
N GLY B 114 -7.46 -4.46 -4.80
CA GLY B 114 -7.97 -3.12 -4.77
C GLY B 114 -9.45 -3.00 -5.11
N GLU B 115 -10.15 -4.10 -5.30
CA GLU B 115 -11.52 -4.03 -5.85
C GLU B 115 -12.50 -3.64 -4.75
N PRO B 116 -13.15 -2.48 -4.84
CA PRO B 116 -14.21 -2.16 -3.90
C PRO B 116 -15.49 -2.90 -4.27
N VAL B 117 -16.39 -2.98 -3.30
CA VAL B 117 -17.77 -3.37 -3.58
C VAL B 117 -18.50 -2.13 -4.10
N ALA B 118 -19.27 -2.29 -5.19
CA ALA B 118 -20.00 -1.18 -5.77
C ALA B 118 -21.48 -1.52 -5.89
N ILE B 119 -22.33 -0.62 -5.42
CA ILE B 119 -23.78 -0.74 -5.62
C ILE B 119 -24.19 0.54 -6.32
N ARG B 120 -24.62 0.43 -7.56
CA ARG B 120 -25.07 1.56 -8.36
C ARG B 120 -26.57 1.46 -8.56
N PHE B 121 -27.29 2.50 -8.19
CA PHE B 121 -28.73 2.58 -8.40
C PHE B 121 -29.01 3.33 -9.70
N ASP B 122 -30.14 3.04 -10.32
CA ASP B 122 -30.49 3.75 -11.55
C ASP B 122 -31.28 5.04 -11.29
N GLU B 123 -31.38 5.47 -10.03
CA GLU B 123 -31.97 6.73 -9.69
C GLU B 123 -31.22 7.36 -8.52
N ASN B 124 -31.33 8.68 -8.38
CA ASN B 124 -30.72 9.36 -7.25
C ASN B 124 -31.34 8.86 -5.95
N ILE B 125 -30.49 8.66 -4.94
CA ILE B 125 -30.91 8.14 -3.64
C ILE B 125 -31.00 9.29 -2.64
N ALA B 126 -32.22 9.57 -2.16
CA ALA B 126 -32.43 10.68 -1.23
C ALA B 126 -32.04 10.33 0.19
N ASP B 127 -32.12 9.06 0.57
CA ASP B 127 -31.81 8.60 1.93
C ASP B 127 -30.66 7.62 1.79
N ARG B 128 -29.46 8.17 1.68
CA ARG B 128 -28.25 7.33 1.56
C ARG B 128 -28.11 6.39 2.75
N GLY B 129 -28.48 6.87 3.95
CA GLY B 129 -28.39 6.03 5.12
C GLY B 129 -29.26 4.79 5.02
N ALA B 130 -30.47 4.93 4.47
CA ALA B 130 -31.32 3.77 4.33
C ALA B 130 -30.74 2.77 3.33
N ALA B 131 -30.09 3.26 2.28
CA ALA B 131 -29.47 2.36 1.32
C ALA B 131 -28.27 1.63 1.94
N GLU B 132 -27.45 2.35 2.71
CA GLU B 132 -26.33 1.70 3.40
C GLU B 132 -26.83 0.64 4.38
N LYS B 133 -27.90 0.94 5.12
CA LYS B 133 -28.40 0.00 6.12
C LYS B 133 -28.92 -1.26 5.47
N ALA B 134 -29.39 -1.18 4.23
CA ALA B 134 -29.98 -2.30 3.51
C ALA B 134 -28.97 -3.18 2.78
N ILE B 135 -27.68 -2.85 2.84
CA ILE B 135 -26.63 -3.59 2.15
C ILE B 135 -25.81 -4.30 3.21
N LYS B 136 -25.84 -5.64 3.19
CA LYS B 136 -25.15 -6.44 4.20
C LYS B 136 -23.92 -7.08 3.56
N ILE B 137 -22.75 -6.74 4.07
CA ILE B 137 -21.48 -7.22 3.51
C ILE B 137 -20.79 -8.12 4.53
N THR B 138 -20.47 -9.34 4.11
CA THR B 138 -19.76 -10.31 4.92
C THR B 138 -18.37 -10.57 4.31
N THR B 139 -17.39 -10.76 5.17
CA THR B 139 -16.02 -11.04 4.75
C THR B 139 -15.46 -12.18 5.57
N ASN B 140 -14.62 -13.00 4.91
CA ASN B 140 -13.95 -14.08 5.59
C ASN B 140 -12.57 -14.24 4.96
N PRO B 141 -11.49 -13.88 5.65
CA PRO B 141 -11.41 -13.38 7.04
C PRO B 141 -12.14 -12.06 7.25
N PRO B 142 -12.78 -11.90 8.40
CA PRO B 142 -13.51 -10.65 8.67
C PRO B 142 -12.56 -9.46 8.69
N VAL B 143 -12.96 -8.39 8.00
CA VAL B 143 -12.20 -7.15 7.95
C VAL B 143 -13.19 -5.99 7.97
N GLU B 144 -12.79 -4.90 8.60
CA GLU B 144 -13.65 -3.72 8.66
C GLU B 144 -13.62 -2.96 7.34
N GLY B 145 -14.78 -2.41 6.96
CA GLY B 145 -14.88 -1.55 5.80
C GLY B 145 -16.02 -0.58 6.03
N ALA B 146 -16.25 0.30 5.04
CA ALA B 146 -17.23 1.36 5.21
C ALA B 146 -17.66 1.86 3.85
N PHE B 147 -18.84 2.51 3.84
CA PHE B 147 -19.46 3.02 2.62
C PHE B 147 -19.02 4.46 2.33
N TYR B 148 -18.88 4.78 1.03
CA TYR B 148 -18.63 6.17 0.63
C TYR B 148 -19.28 6.32 -0.74
N TRP B 149 -19.99 7.44 -0.94
CA TRP B 149 -20.71 7.68 -2.18
C TRP B 149 -19.87 8.47 -3.17
N LEU B 150 -19.74 7.93 -4.38
CA LEU B 150 -19.03 8.61 -5.46
C LEU B 150 -19.91 9.64 -6.16
N ASN B 151 -21.22 9.46 -6.10
CA ASN B 151 -22.15 10.41 -6.69
C ASN B 151 -23.52 10.07 -6.10
N ASN B 152 -24.58 10.67 -6.66
CA ASN B 152 -25.91 10.47 -6.08
C ASN B 152 -26.47 9.08 -6.28
N ARG B 153 -25.85 8.27 -7.12
CA ARG B 153 -26.41 6.98 -7.50
C ARG B 153 -25.55 5.78 -7.11
N GLU B 154 -24.25 5.96 -6.87
CA GLU B 154 -23.36 4.82 -6.70
C GLU B 154 -22.62 4.94 -5.39
N VAL B 155 -22.72 3.90 -4.56
CA VAL B 155 -22.01 3.83 -3.30
C VAL B 155 -20.94 2.75 -3.41
N ARG B 156 -19.81 2.98 -2.73
CA ARG B 156 -18.70 2.04 -2.73
C ARG B 156 -18.42 1.61 -1.29
N TRP B 157 -17.95 0.38 -1.14
CA TRP B 157 -17.55 -0.17 0.17
C TRP B 157 -16.16 -0.80 0.06
N ARG B 158 -15.31 -0.57 1.04
CA ARG B 158 -13.95 -1.12 0.98
C ARG B 158 -13.34 -1.08 2.37
N PRO B 159 -12.28 -1.84 2.61
CA PRO B 159 -11.57 -1.75 3.89
C PRO B 159 -10.54 -0.63 3.84
N GLU B 160 -9.87 -0.41 4.99
CA GLU B 160 -8.87 0.65 5.07
C GLU B 160 -7.63 0.29 4.26
N HIS B 161 -7.21 -0.97 4.31
CA HIS B 161 -6.07 -1.45 3.54
C HIS B 161 -6.53 -2.37 2.42
N PHE B 162 -5.65 -2.58 1.46
CA PHE B 162 -5.94 -3.50 0.37
C PHE B 162 -6.38 -4.85 0.92
N TRP B 163 -7.25 -5.52 0.17
CA TRP B 163 -7.76 -6.82 0.59
C TRP B 163 -6.63 -7.81 0.83
N LYS B 164 -6.79 -8.64 1.84
CA LYS B 164 -5.92 -9.82 1.99
C LYS B 164 -6.27 -10.88 0.96
N PRO B 165 -5.32 -11.36 0.16
CA PRO B 165 -5.63 -12.44 -0.79
C PRO B 165 -6.26 -13.65 -0.13
N GLY B 166 -7.23 -14.26 -0.83
CA GLY B 166 -7.97 -15.38 -0.30
C GLY B 166 -9.25 -15.02 0.46
N THR B 167 -9.58 -13.75 0.55
CA THR B 167 -10.75 -13.33 1.31
C THR B 167 -12.03 -13.52 0.48
N ALA B 168 -12.99 -14.21 1.07
CA ALA B 168 -14.32 -14.29 0.50
C ALA B 168 -15.10 -13.03 0.86
N VAL B 169 -15.85 -12.50 -0.10
CA VAL B 169 -16.66 -11.31 0.11
C VAL B 169 -18.08 -11.63 -0.36
N ASP B 170 -19.05 -11.45 0.54
CA ASP B 170 -20.44 -11.71 0.24
C ASP B 170 -21.23 -10.40 0.37
N VAL B 171 -22.06 -10.10 -0.63
CA VAL B 171 -22.80 -8.84 -0.69
C VAL B 171 -24.29 -9.11 -0.89
N ALA B 172 -25.10 -8.74 0.11
CA ALA B 172 -26.55 -8.88 0.05
C ALA B 172 -27.14 -7.48 0.01
N VAL B 173 -27.74 -7.13 -1.11
CA VAL B 173 -28.38 -5.83 -1.30
C VAL B 173 -29.87 -6.09 -1.14
N ASN B 174 -30.38 -5.80 0.05
CA ASN B 174 -31.75 -6.12 0.46
C ASN B 174 -32.63 -4.87 0.41
N THR B 175 -32.81 -4.34 -0.79
CA THR B 175 -33.47 -3.06 -1.00
C THR B 175 -34.95 -3.23 -1.34
N TYR B 176 -35.39 -4.44 -1.67
CA TYR B 176 -36.82 -4.63 -1.91
C TYR B 176 -37.59 -4.42 -0.61
N GLY B 177 -38.64 -3.62 -0.69
CA GLY B 177 -39.42 -3.24 0.49
C GLY B 177 -38.87 -2.05 1.22
N VAL B 178 -37.68 -1.56 0.85
CA VAL B 178 -37.02 -0.52 1.63
C VAL B 178 -37.33 0.83 1.01
N ASP B 179 -37.76 1.77 1.85
CA ASP B 179 -37.94 3.16 1.48
C ASP B 179 -36.57 3.84 1.43
N LEU B 180 -36.10 4.17 0.24
CA LEU B 180 -34.82 4.85 0.03
C LEU B 180 -34.98 6.37 -0.04
N GLY B 181 -36.09 6.91 0.46
CA GLY B 181 -36.30 8.33 0.56
C GLY B 181 -37.24 8.89 -0.48
N GLU B 182 -38.07 9.84 -0.08
CA GLU B 182 -38.96 10.56 -1.01
C GLU B 182 -39.85 9.59 -1.80
N GLY B 183 -40.26 8.52 -1.16
CA GLY B 183 -41.16 7.57 -1.80
C GLY B 183 -40.51 6.65 -2.80
N MET B 184 -39.18 6.55 -2.80
N MET B 184 -39.18 6.62 -2.83
CA MET B 184 -38.46 5.69 -3.71
CA MET B 184 -38.42 5.69 -3.65
C MET B 184 -38.08 4.38 -3.03
C MET B 184 -38.26 4.38 -2.90
N PHE B 185 -38.56 3.28 -3.56
CA PHE B 185 -38.40 1.95 -2.99
C PHE B 185 -37.58 1.07 -3.92
N GLY B 186 -36.86 0.13 -3.32
CA GLY B 186 -36.06 -0.80 -4.11
C GLY B 186 -36.91 -1.64 -5.04
N GLU B 187 -36.51 -1.76 -6.29
CA GLU B 187 -37.25 -2.56 -7.26
C GLU B 187 -37.08 -4.04 -6.99
N ASP B 188 -35.96 -4.44 -6.40
CA ASP B 188 -35.62 -5.84 -6.21
C ASP B 188 -34.41 -5.89 -5.28
N ASN B 189 -34.07 -7.10 -4.86
CA ASN B 189 -32.85 -7.39 -4.15
C ASN B 189 -31.84 -7.90 -5.16
N VAL B 190 -30.56 -7.80 -4.80
CA VAL B 190 -29.50 -8.41 -5.60
C VAL B 190 -28.47 -8.97 -4.62
N GLN B 191 -27.78 -10.02 -5.07
CA GLN B 191 -26.87 -10.80 -4.26
C GLN B 191 -25.64 -11.09 -5.13
N THR B 192 -24.49 -11.13 -4.48
CA THR B 192 -23.28 -11.47 -5.21
C THR B 192 -22.20 -11.88 -4.23
N HIS B 193 -21.27 -12.69 -4.71
CA HIS B 193 -20.21 -13.22 -3.89
C HIS B 193 -18.97 -13.32 -4.78
N PHE B 194 -17.84 -12.87 -4.29
CA PHE B 194 -16.61 -12.95 -5.07
C PHE B 194 -15.45 -13.24 -4.12
N THR B 195 -14.26 -13.39 -4.69
CA THR B 195 -13.08 -13.79 -3.93
C THR B 195 -11.88 -12.96 -4.37
N ILE B 196 -11.00 -12.67 -3.43
CA ILE B 196 -9.80 -11.89 -3.70
C ILE B 196 -8.68 -12.84 -4.11
N GLY B 197 -8.07 -12.58 -5.27
CA GLY B 197 -6.95 -13.37 -5.78
C GLY B 197 -5.62 -12.78 -5.40
N ASP B 198 -4.61 -13.08 -6.24
CA ASP B 198 -3.25 -12.66 -5.96
C ASP B 198 -3.13 -11.16 -5.81
N GLU B 199 -2.19 -10.74 -4.95
CA GLU B 199 -1.79 -9.34 -4.87
C GLU B 199 -0.97 -8.96 -6.10
N VAL B 200 -1.48 -8.03 -6.90
CA VAL B 200 -0.81 -7.59 -8.13
C VAL B 200 -0.76 -6.07 -8.08
N ILE B 201 0.42 -5.51 -7.94
CA ILE B 201 0.59 -4.07 -7.78
C ILE B 201 1.67 -3.60 -8.75
N ALA B 202 1.30 -2.73 -9.69
CA ALA B 202 2.24 -2.18 -10.67
C ALA B 202 2.52 -0.73 -10.32
N THR B 203 3.79 -0.35 -10.29
CA THR B 203 4.18 0.99 -9.94
C THR B 203 4.86 1.66 -11.11
N ALA B 204 4.36 2.82 -11.49
CA ALA B 204 4.95 3.65 -12.53
C ALA B 204 5.62 4.84 -11.86
N ASP B 205 6.95 4.86 -11.91
CA ASP B 205 7.74 5.92 -11.28
C ASP B 205 8.20 6.86 -12.38
N ASP B 206 7.71 8.08 -12.34
CA ASP B 206 8.12 9.06 -13.34
C ASP B 206 9.61 9.40 -13.29
N ASN B 207 10.28 9.16 -12.16
CA ASN B 207 11.72 9.43 -12.14
C ASN B 207 12.51 8.42 -12.96
N THR B 208 12.02 7.20 -13.07
CA THR B 208 12.70 6.16 -13.83
C THR B 208 12.01 5.84 -15.15
N LYS B 209 10.75 6.23 -15.29
CA LYS B 209 9.93 5.95 -16.47
C LYS B 209 9.81 4.44 -16.69
N ILE B 210 9.71 3.71 -15.59
CA ILE B 210 9.52 2.28 -15.61
C ILE B 210 8.19 1.98 -14.90
N LEU B 211 7.41 1.07 -15.49
CA LEU B 211 6.23 0.47 -14.86
C LEU B 211 6.62 -0.94 -14.42
N THR B 212 6.75 -1.13 -13.11
CA THR B 212 7.15 -2.40 -12.53
C THR B 212 5.95 -3.14 -11.98
N VAL B 213 5.78 -4.37 -12.43
CA VAL B 213 4.67 -5.20 -11.98
C VAL B 213 5.19 -6.16 -10.92
N ARG B 214 4.59 -6.13 -9.74
N ARG B 214 4.57 -6.17 -9.74
CA ARG B 214 4.91 -7.07 -8.66
CA ARG B 214 4.92 -7.08 -8.66
C ARG B 214 3.69 -7.94 -8.39
C ARG B 214 3.72 -7.94 -8.31
N VAL B 215 3.93 -9.25 -8.31
CA VAL B 215 2.89 -10.23 -8.01
C VAL B 215 3.27 -10.90 -6.69
N ASN B 216 2.41 -10.73 -5.70
CA ASN B 216 2.68 -11.23 -4.34
C ASN B 216 4.08 -10.84 -3.91
N GLY B 217 4.42 -9.58 -4.17
CA GLY B 217 5.64 -8.98 -3.69
C GLY B 217 6.88 -9.23 -4.54
N GLU B 218 6.80 -10.04 -5.57
CA GLU B 218 7.94 -10.38 -6.41
C GLU B 218 7.86 -9.63 -7.74
N VAL B 219 8.97 -9.07 -8.16
CA VAL B 219 9.04 -8.36 -9.44
C VAL B 219 8.95 -9.39 -10.57
N VAL B 220 7.92 -9.26 -11.41
CA VAL B 220 7.77 -10.16 -12.55
C VAL B 220 7.85 -9.46 -13.91
N LYS B 221 7.88 -8.12 -13.96
CA LYS B 221 7.98 -7.44 -15.25
C LYS B 221 8.37 -6.00 -15.03
N SER B 222 9.29 -5.53 -15.86
CA SER B 222 9.74 -4.14 -15.80
C SER B 222 9.53 -3.58 -17.20
N MET B 223 8.58 -2.64 -17.32
CA MET B 223 8.15 -2.15 -18.62
C MET B 223 8.55 -0.70 -18.81
N PRO B 224 9.46 -0.37 -19.71
CA PRO B 224 9.68 1.05 -20.04
C PRO B 224 8.37 1.70 -20.49
N THR B 225 8.15 2.93 -19.99
CA THR B 225 6.87 3.57 -20.28
C THR B 225 7.10 5.04 -20.60
N SER B 226 6.13 5.61 -21.33
CA SER B 226 6.06 7.05 -21.56
C SER B 226 4.70 7.49 -21.09
N MET B 227 4.67 8.44 -20.14
CA MET B 227 3.41 8.89 -19.54
C MET B 227 3.04 10.25 -20.13
N GLY B 228 2.17 10.99 -19.44
CA GLY B 228 1.69 12.23 -20.00
C GLY B 228 2.75 13.32 -19.99
N LYS B 229 2.85 14.01 -21.11
CA LYS B 229 3.74 15.16 -21.21
C LYS B 229 3.31 16.23 -20.19
N ASP B 230 4.21 17.21 -20.00
CA ASP B 230 4.04 18.17 -18.91
C ASP B 230 2.70 18.89 -18.99
N SER B 231 2.31 19.32 -20.20
CA SER B 231 1.05 20.05 -20.34
C SER B 231 -0.16 19.16 -20.16
N THR B 232 -0.04 17.85 -20.35
CA THR B 232 -1.13 16.90 -20.14
C THR B 232 -0.60 15.73 -19.32
N PRO B 233 -0.26 15.99 -18.06
CA PRO B 233 0.47 14.99 -17.28
C PRO B 233 -0.44 13.89 -16.74
N THR B 234 0.21 12.79 -16.38
CA THR B 234 -0.49 11.70 -15.72
C THR B 234 -0.61 12.00 -14.23
N ALA B 235 -1.84 11.87 -13.70
CA ALA B 235 -2.04 12.12 -12.29
C ALA B 235 -1.33 11.06 -11.44
N ASN B 236 -0.69 11.53 -10.37
CA ASN B 236 -0.20 10.61 -9.35
C ASN B 236 -1.36 9.98 -8.60
N GLY B 237 -1.10 8.82 -8.02
CA GLY B 237 -2.04 8.21 -7.10
C GLY B 237 -2.27 6.74 -7.40
N ILE B 238 -3.31 6.20 -6.78
CA ILE B 238 -3.60 4.77 -6.81
C ILE B 238 -4.78 4.58 -7.77
N TYR B 239 -4.58 3.72 -8.76
CA TYR B 239 -5.58 3.42 -9.76
C TYR B 239 -6.01 1.96 -9.61
N ILE B 240 -7.33 1.73 -9.72
CA ILE B 240 -7.86 0.38 -9.73
C ILE B 240 -8.02 -0.08 -11.17
N VAL B 241 -7.48 -1.27 -11.48
CA VAL B 241 -7.65 -1.84 -12.81
C VAL B 241 -9.12 -2.17 -13.03
N GLY B 242 -9.63 -1.73 -14.17
CA GLY B 242 -11.00 -2.04 -14.59
C GLY B 242 -11.08 -2.99 -15.76
N SER B 243 -11.74 -2.58 -16.83
CA SER B 243 -11.95 -3.42 -17.99
C SER B 243 -10.71 -3.50 -18.86
N ARG B 244 -10.66 -4.55 -19.68
CA ARG B 244 -9.57 -4.78 -20.62
C ARG B 244 -10.11 -4.97 -22.03
N TYR B 245 -9.36 -4.50 -23.02
CA TYR B 245 -9.76 -4.58 -24.41
C TYR B 245 -8.59 -5.03 -25.30
N LYS B 246 -8.87 -6.00 -26.18
CA LYS B 246 -7.88 -6.31 -27.22
C LYS B 246 -7.65 -5.12 -28.15
N HIS B 247 -8.70 -4.36 -28.45
CA HIS B 247 -8.52 -3.08 -29.14
C HIS B 247 -9.71 -2.19 -28.81
N ILE B 248 -9.49 -0.88 -28.92
CA ILE B 248 -10.57 0.05 -28.63
C ILE B 248 -10.22 1.40 -29.22
N ILE B 249 -11.25 2.15 -29.60
CA ILE B 249 -11.10 3.51 -30.11
C ILE B 249 -11.13 4.49 -28.93
N MET B 250 -10.01 5.13 -28.68
CA MET B 250 -9.89 6.15 -27.65
C MET B 250 -10.38 7.45 -28.24
N ASP B 251 -11.50 7.95 -27.74
CA ASP B 251 -12.17 9.14 -28.27
C ASP B 251 -12.28 10.18 -27.16
N SER B 252 -11.62 11.32 -27.33
CA SER B 252 -11.54 12.30 -26.27
C SER B 252 -12.88 12.95 -25.96
N SER B 253 -13.86 12.85 -26.86
CA SER B 253 -15.16 13.44 -26.54
C SER B 253 -15.87 12.69 -25.43
N THR B 254 -15.55 11.40 -25.24
CA THR B 254 -16.06 10.66 -24.09
C THR B 254 -15.89 11.45 -22.79
N TYR B 255 -14.77 12.17 -22.65
CA TYR B 255 -14.43 12.90 -21.44
C TYR B 255 -14.62 14.40 -21.61
N GLY B 256 -15.42 14.81 -22.60
CA GLY B 256 -15.78 16.20 -22.75
C GLY B 256 -14.80 17.04 -23.52
N VAL B 257 -13.72 16.45 -24.01
CA VAL B 257 -12.69 17.18 -24.76
C VAL B 257 -12.99 16.98 -26.24
N PRO B 258 -13.38 18.03 -26.97
CA PRO B 258 -13.60 17.87 -28.41
C PRO B 258 -12.38 17.25 -29.09
N VAL B 259 -12.63 16.38 -30.07
CA VAL B 259 -11.54 15.74 -30.79
C VAL B 259 -10.67 16.76 -31.52
N ASN B 260 -11.25 17.86 -32.00
CA ASN B 260 -10.53 18.84 -32.79
C ASN B 260 -9.80 19.88 -31.94
N SER B 261 -9.90 19.80 -30.63
CA SER B 261 -9.29 20.78 -29.74
C SER B 261 -7.81 20.44 -29.53
N PRO B 262 -7.06 21.34 -28.88
CA PRO B 262 -5.61 21.11 -28.75
C PRO B 262 -5.23 19.77 -28.13
N ASN B 263 -5.92 19.34 -27.08
CA ASN B 263 -5.63 18.10 -26.39
C ASN B 263 -6.56 16.96 -26.81
N GLY B 264 -7.25 17.12 -27.96
CA GLY B 264 -8.15 16.09 -28.44
C GLY B 264 -7.45 15.00 -29.27
N TYR B 265 -8.13 13.86 -29.38
CA TYR B 265 -7.58 12.71 -30.07
C TYR B 265 -8.71 11.76 -30.42
N ARG B 266 -8.48 10.96 -31.47
N ARG B 266 -8.50 11.01 -31.50
CA ARG B 266 -9.36 9.85 -31.82
CA ARG B 266 -9.34 9.85 -31.80
C ARG B 266 -8.51 8.84 -32.59
C ARG B 266 -8.46 8.87 -32.57
N THR B 267 -8.10 7.77 -31.92
CA THR B 267 -7.25 6.77 -32.54
C THR B 267 -7.46 5.39 -31.92
N ASP B 268 -7.39 4.37 -32.78
CA ASP B 268 -7.58 2.98 -32.40
C ASP B 268 -6.30 2.44 -31.78
N VAL B 269 -6.41 1.81 -30.62
CA VAL B 269 -5.26 1.24 -29.95
C VAL B 269 -5.51 -0.22 -29.55
N ASP B 270 -4.41 -0.94 -29.37
CA ASP B 270 -4.45 -2.35 -28.99
C ASP B 270 -4.13 -2.55 -27.52
N TRP B 271 -4.65 -3.66 -26.96
CA TRP B 271 -4.18 -4.16 -25.67
C TRP B 271 -4.27 -3.07 -24.61
N ALA B 272 -5.49 -2.64 -24.34
CA ALA B 272 -5.72 -1.49 -23.48
C ALA B 272 -6.41 -1.94 -22.19
N THR B 273 -5.76 -1.67 -21.06
CA THR B 273 -6.30 -1.92 -19.74
C THR B 273 -6.71 -0.59 -19.13
N GLN B 274 -8.01 -0.45 -18.82
CA GLN B 274 -8.51 0.75 -18.19
C GLN B 274 -8.10 0.83 -16.73
N ILE B 275 -7.65 2.01 -16.29
CA ILE B 275 -7.35 2.22 -14.87
C ILE B 275 -7.98 3.49 -14.30
N SER B 276 -8.71 4.29 -15.08
CA SER B 276 -9.51 5.35 -14.50
C SER B 276 -10.73 5.63 -15.38
N TYR B 277 -11.81 6.12 -14.75
CA TYR B 277 -12.97 6.57 -15.49
C TYR B 277 -12.68 7.83 -16.29
N SER B 278 -11.65 8.60 -15.89
CA SER B 278 -11.20 9.72 -16.69
C SER B 278 -10.52 9.30 -17.98
N GLY B 279 -10.33 7.99 -18.20
CA GLY B 279 -9.84 7.52 -19.47
C GLY B 279 -8.36 7.18 -19.52
N VAL B 280 -7.72 7.00 -18.38
CA VAL B 280 -6.35 6.56 -18.37
C VAL B 280 -6.31 5.06 -18.60
N PHE B 281 -5.45 4.63 -19.54
CA PHE B 281 -5.22 3.24 -19.82
C PHE B 281 -3.71 2.94 -19.82
N VAL B 282 -3.37 1.68 -19.59
CA VAL B 282 -2.11 1.10 -20.05
C VAL B 282 -2.43 0.48 -21.40
N HIS B 283 -1.64 0.81 -22.43
CA HIS B 283 -1.96 0.32 -23.77
C HIS B 283 -0.69 0.28 -24.63
N SER B 284 -0.81 -0.43 -25.74
CA SER B 284 0.24 -0.52 -26.73
C SER B 284 0.45 0.80 -27.45
N ALA B 285 1.71 1.27 -27.50
CA ALA B 285 2.02 2.54 -28.18
C ALA B 285 3.27 2.37 -29.02
N PRO B 286 3.15 1.72 -30.18
CA PRO B 286 4.33 1.56 -31.05
C PRO B 286 5.01 2.86 -31.41
N TRP B 287 4.25 3.96 -31.49
CA TRP B 287 4.77 5.24 -31.93
C TRP B 287 5.63 5.94 -30.89
N SER B 288 5.59 5.52 -29.64
CA SER B 288 6.39 6.13 -28.58
C SER B 288 7.45 5.21 -28.02
N VAL B 289 7.69 4.05 -28.65
CA VAL B 289 8.67 3.11 -28.10
C VAL B 289 10.01 3.82 -27.90
N GLY B 290 10.36 4.73 -28.80
CA GLY B 290 11.64 5.43 -28.69
C GLY B 290 11.75 6.25 -27.42
N ALA B 291 10.62 6.82 -26.97
CA ALA B 291 10.60 7.63 -25.76
C ALA B 291 10.34 6.82 -24.49
N GLN B 292 9.82 5.60 -24.59
CA GLN B 292 9.49 4.80 -23.42
C GLN B 292 10.73 4.53 -22.59
N GLY B 293 10.65 4.80 -21.29
CA GLY B 293 11.80 4.77 -20.44
C GLY B 293 12.68 5.99 -20.46
N HIS B 294 12.29 7.05 -21.17
CA HIS B 294 13.10 8.24 -21.29
C HIS B 294 12.32 9.53 -21.07
N THR B 295 11.21 9.72 -21.79
CA THR B 295 10.50 10.99 -21.73
C THR B 295 9.00 10.77 -21.96
N ASN B 296 8.21 11.67 -21.39
CA ASN B 296 6.76 11.57 -21.46
C ASN B 296 6.24 12.27 -22.69
N THR B 297 5.34 11.60 -23.41
CA THR B 297 4.84 12.10 -24.70
C THR B 297 3.33 11.97 -24.85
N SER B 298 2.63 11.31 -23.94
CA SER B 298 1.23 10.98 -24.18
C SER B 298 0.33 12.08 -23.67
N HIS B 299 -0.99 11.85 -23.76
CA HIS B 299 -1.99 12.74 -23.23
C HIS B 299 -2.32 12.43 -21.78
N GLY B 300 -1.72 11.38 -21.22
CA GLY B 300 -1.98 11.03 -19.83
C GLY B 300 -1.91 9.53 -19.60
N CYS B 301 -2.02 8.76 -20.68
CA CYS B 301 -2.02 7.33 -20.55
C CYS B 301 -0.59 6.75 -20.46
N LEU B 302 -0.50 5.50 -19.99
CA LEU B 302 0.77 4.84 -19.79
C LEU B 302 1.10 4.05 -21.06
N ASN B 303 1.93 4.66 -21.91
CA ASN B 303 2.37 4.01 -23.14
C ASN B 303 3.39 2.93 -22.81
N VAL B 304 3.18 1.71 -23.30
CA VAL B 304 4.23 0.68 -23.25
C VAL B 304 4.32 0.01 -24.63
N SER B 305 5.31 -0.85 -24.76
CA SER B 305 5.49 -1.60 -26.00
C SER B 305 4.31 -2.54 -26.25
N PRO B 306 4.12 -2.98 -27.49
CA PRO B 306 3.01 -3.91 -27.78
C PRO B 306 3.10 -5.20 -26.98
N SER B 307 4.30 -5.77 -26.85
CA SER B 307 4.41 -7.01 -26.08
C SER B 307 4.14 -6.79 -24.60
N ASN B 308 4.54 -5.64 -24.06
CA ASN B 308 4.28 -5.38 -22.65
C ASN B 308 2.81 -5.05 -22.38
N ALA B 309 2.16 -4.31 -23.30
CA ALA B 309 0.73 -4.09 -23.17
C ALA B 309 -0.05 -5.40 -23.21
N GLN B 310 0.33 -6.32 -24.13
CA GLN B 310 -0.36 -7.59 -24.16
C GLN B 310 -0.07 -8.38 -22.90
N TRP B 311 1.19 -8.37 -22.43
CA TRP B 311 1.49 -9.05 -21.17
C TRP B 311 0.61 -8.50 -20.04
N PHE B 312 0.50 -7.18 -19.96
CA PHE B 312 -0.35 -6.57 -18.94
C PHE B 312 -1.81 -7.01 -19.09
N TYR B 313 -2.30 -6.98 -20.31
CA TYR B 313 -3.66 -7.47 -20.59
C TYR B 313 -3.82 -8.91 -20.08
N ASP B 314 -2.84 -9.76 -20.33
CA ASP B 314 -2.97 -11.18 -20.04
C ASP B 314 -2.81 -11.50 -18.56
N HIS B 315 -2.05 -10.70 -17.83
CA HIS B 315 -1.65 -11.01 -16.47
C HIS B 315 -2.25 -10.12 -15.39
N VAL B 316 -3.03 -9.14 -15.74
CA VAL B 316 -3.65 -8.26 -14.77
C VAL B 316 -5.15 -8.42 -14.88
N LYS B 317 -5.84 -8.27 -13.75
CA LYS B 317 -7.27 -8.53 -13.64
C LYS B 317 -7.94 -7.38 -12.91
N ARG B 318 -9.26 -7.29 -13.09
CA ARG B 318 -10.06 -6.29 -12.42
C ARG B 318 -9.74 -6.28 -10.93
N GLY B 319 -9.52 -5.07 -10.39
CA GLY B 319 -9.22 -4.95 -8.99
C GLY B 319 -7.74 -4.92 -8.64
N ASP B 320 -6.86 -5.31 -9.56
CA ASP B 320 -5.43 -5.12 -9.38
C ASP B 320 -5.12 -3.62 -9.32
N ILE B 321 -3.88 -3.27 -8.97
CA ILE B 321 -3.55 -1.88 -8.63
C ILE B 321 -2.44 -1.35 -9.50
N VAL B 322 -2.61 -0.11 -9.95
CA VAL B 322 -1.54 0.65 -10.59
C VAL B 322 -1.31 1.90 -9.78
N GLU B 323 -0.08 2.09 -9.31
CA GLU B 323 0.29 3.29 -8.57
C GLU B 323 1.24 4.13 -9.41
N VAL B 324 0.90 5.40 -9.57
CA VAL B 324 1.71 6.37 -10.29
C VAL B 324 2.32 7.34 -9.28
N VAL B 325 3.66 7.55 -9.40
CA VAL B 325 4.37 8.37 -8.44
C VAL B 325 5.33 9.29 -9.18
N ASN B 326 5.58 10.47 -8.58
CA ASN B 326 6.60 11.43 -8.95
C ASN B 326 6.36 12.16 -10.25
N THR B 327 5.13 12.11 -10.80
CA THR B 327 4.86 12.91 -11.98
C THR B 327 4.65 14.38 -11.59
N VAL B 328 4.65 15.25 -12.60
CA VAL B 328 4.32 16.66 -12.38
C VAL B 328 2.83 16.91 -12.33
N GLY B 329 2.01 15.86 -12.38
CA GLY B 329 0.59 16.01 -12.31
C GLY B 329 0.10 16.18 -10.88
N GLY B 330 -1.20 16.33 -10.75
CA GLY B 330 -1.84 16.34 -9.45
C GLY B 330 -2.06 14.93 -8.98
N THR B 331 -3.16 14.73 -8.26
CA THR B 331 -3.55 13.42 -7.75
C THR B 331 -4.87 13.01 -8.36
N LEU B 332 -5.02 11.72 -8.64
CA LEU B 332 -6.25 11.21 -9.22
C LEU B 332 -7.41 11.44 -8.25
N PRO B 333 -8.53 12.01 -8.70
CA PRO B 333 -9.65 12.22 -7.79
C PRO B 333 -10.15 10.91 -7.18
N GLY B 334 -10.44 10.95 -5.88
CA GLY B 334 -10.91 9.77 -5.19
C GLY B 334 -12.30 9.33 -5.62
N ILE B 335 -13.07 10.22 -6.25
CA ILE B 335 -14.38 9.84 -6.79
C ILE B 335 -14.33 9.66 -8.30
N ASP B 336 -13.14 9.46 -8.86
CA ASP B 336 -13.04 9.19 -10.28
C ASP B 336 -13.97 8.07 -10.72
N GLY B 337 -14.02 7.00 -9.94
CA GLY B 337 -14.69 5.77 -10.35
C GLY B 337 -13.78 4.58 -10.09
N LEU B 338 -12.47 4.80 -10.31
CA LEU B 338 -11.44 3.83 -9.98
C LEU B 338 -10.37 4.45 -9.08
N GLY B 339 -10.66 5.58 -8.45
CA GLY B 339 -9.68 6.26 -7.61
C GLY B 339 -9.98 6.15 -6.12
N ASP B 340 -10.82 5.17 -5.76
CA ASP B 340 -11.35 5.10 -4.41
C ASP B 340 -10.25 5.20 -3.36
N TRP B 341 -9.10 4.59 -3.62
CA TRP B 341 -8.04 4.50 -2.62
C TRP B 341 -7.29 5.82 -2.40
N ASN B 342 -7.54 6.85 -3.20
CA ASN B 342 -6.91 8.15 -2.96
C ASN B 342 -7.65 8.98 -1.93
N ILE B 343 -8.81 8.54 -1.46
CA ILE B 343 -9.50 9.21 -0.37
C ILE B 343 -8.86 8.70 0.91
N PRO B 344 -8.30 9.58 1.73
CA PRO B 344 -7.77 9.12 3.03
C PRO B 344 -8.84 8.41 3.83
N TRP B 345 -8.40 7.39 4.56
CA TRP B 345 -9.34 6.48 5.22
C TRP B 345 -10.28 7.20 6.17
N ASP B 346 -9.80 8.26 6.85
CA ASP B 346 -10.68 8.97 7.76
C ASP B 346 -11.82 9.65 7.03
N GLN B 347 -11.54 10.26 5.87
CA GLN B 347 -12.60 10.84 5.06
C GLN B 347 -13.53 9.75 4.55
N TRP B 348 -12.97 8.61 4.13
CA TRP B 348 -13.78 7.53 3.59
C TRP B 348 -14.67 6.92 4.66
N ARG B 349 -14.08 6.56 5.80
CA ARG B 349 -14.86 5.94 6.86
C ARG B 349 -15.96 6.87 7.37
N ALA B 350 -15.67 8.17 7.48
CA ALA B 350 -16.68 9.13 7.90
C ALA B 350 -17.85 9.12 6.94
N GLY B 351 -17.58 8.87 5.65
CA GLY B 351 -18.66 8.76 4.69
C GLY B 351 -19.30 10.09 4.36
N ASN B 352 -20.37 9.99 3.55
CA ASN B 352 -21.10 11.17 3.12
C ASN B 352 -22.59 10.87 2.95
N ALA B 353 -23.13 10.00 3.79
CA ALA B 353 -24.56 9.71 3.74
C ALA B 353 -25.38 10.97 4.03
N LYS B 354 -24.81 11.92 4.75
CA LYS B 354 -25.44 13.19 5.09
C LYS B 354 -26.43 12.93 6.22
#